data_1RSB
# 
_entry.id   1RSB 
# 
_audit_conform.dict_name       mmcif_pdbx.dic 
_audit_conform.dict_version    5.386 
_audit_conform.dict_location   http://mmcif.pdb.org/dictionaries/ascii/mmcif_pdbx.dic 
# 
loop_
_database_2.database_id 
_database_2.database_code 
_database_2.pdbx_database_accession 
_database_2.pdbx_DOI 
PDB   1RSB         pdb_00001rsb 10.2210/pdb1rsb/pdb 
NDB   UD0049       ?            ?                   
RCSB  RCSB021007   ?            ?                   
WWPDB D_1000021007 ?            ?                   
# 
loop_
_pdbx_audit_revision_history.ordinal 
_pdbx_audit_revision_history.data_content_type 
_pdbx_audit_revision_history.major_revision 
_pdbx_audit_revision_history.minor_revision 
_pdbx_audit_revision_history.revision_date 
1 'Structure model' 1 0 2004-05-25 
2 'Structure model' 1 1 2008-04-29 
3 'Structure model' 1 2 2011-07-13 
4 'Structure model' 1 3 2024-02-14 
# 
_pdbx_audit_revision_details.ordinal             1 
_pdbx_audit_revision_details.revision_ordinal    1 
_pdbx_audit_revision_details.data_content_type   'Structure model' 
_pdbx_audit_revision_details.provider            repository 
_pdbx_audit_revision_details.type                'Initial release' 
_pdbx_audit_revision_details.description         ? 
_pdbx_audit_revision_details.details             ? 
# 
loop_
_pdbx_audit_revision_group.ordinal 
_pdbx_audit_revision_group.revision_ordinal 
_pdbx_audit_revision_group.data_content_type 
_pdbx_audit_revision_group.group 
1 2 'Structure model' 'Version format compliance' 
2 3 'Structure model' 'Version format compliance' 
3 4 'Structure model' 'Data collection'           
4 4 'Structure model' 'Database references'       
# 
loop_
_pdbx_audit_revision_category.ordinal 
_pdbx_audit_revision_category.revision_ordinal 
_pdbx_audit_revision_category.data_content_type 
_pdbx_audit_revision_category.category 
1 4 'Structure model' chem_comp_atom 
2 4 'Structure model' chem_comp_bond 
3 4 'Structure model' database_2     
4 4 'Structure model' diffrn_source  
# 
loop_
_pdbx_audit_revision_item.ordinal 
_pdbx_audit_revision_item.revision_ordinal 
_pdbx_audit_revision_item.data_content_type 
_pdbx_audit_revision_item.item 
1 4 'Structure model' '_database_2.pdbx_DOI'                 
2 4 'Structure model' '_database_2.pdbx_database_accession'  
3 4 'Structure model' '_diffrn_source.pdbx_synchrotron_site' 
# 
_pdbx_database_status.status_code                     REL 
_pdbx_database_status.entry_id                        1RSB 
_pdbx_database_status.recvd_initial_deposition_date   2003-12-09 
_pdbx_database_status.deposit_site                    RCSB 
_pdbx_database_status.process_site                    RCSB 
_pdbx_database_status.status_code_sf                  REL 
_pdbx_database_status.SG_entry                        . 
_pdbx_database_status.pdb_format_compatible           Y 
_pdbx_database_status.status_code_mr                  ? 
_pdbx_database_status.status_code_cs                  ? 
_pdbx_database_status.status_code_nmr_data            ? 
_pdbx_database_status.methods_development_category    ? 
# 
_pdbx_database_related.db_name        NDB 
_pdbx_database_related.db_id          UD0035 
_pdbx_database_related.details        'Brominated sequence crystallised in a different space group and in presence of KCl' 
_pdbx_database_related.content_type   unspecified 
# 
loop_
_audit_author.name 
_audit_author.pdbx_ordinal 
'Abrescia, N.G.' 1 
'Gonzalez, C.'   2 
'Gouyette, C.'   3 
'Subirana, J.A.' 4 
# 
loop_
_citation.id 
_citation.title 
_citation.journal_abbrev 
_citation.journal_volume 
_citation.page_first 
_citation.page_last 
_citation.year 
_citation.journal_id_ASTM 
_citation.country 
_citation.journal_id_ISSN 
_citation.journal_id_CSD 
_citation.book_publisher 
_citation.pdbx_database_id_PubMed 
_citation.pdbx_database_id_DOI 
primary 'X-ray and NMR studies of the DNA oligomer d(ATATAT): Hoogsteen base pairing in duplex DNA.'                               
Biochemistry               43  4092  4100  2004 BICHAW US 0006-2960 0033 ? 15065851 10.1021/bi0355140         
1       'Crystal structure of an antiparallel DNA fragment with Hoogsteen base pairing'                                            
Proc.Natl.Acad.Sci.USA     99  2806  2811  2002 PNASA6 US 0027-8424 0040 ? ?        10.1073/pnas.052675499    
2       'When pseudosymmetry and merohedral twinning came across: thecase of the d(ATATAT) oligonucleotide in a hexagonal lattice' 
'Acta Crystallogr.,Sect.D' 58  2205  2208  2002 ABCRE6 DK 0907-4449 0766 ? ?        10.1107/S0907444902015500 
3       'Theoretical Study of a New DNA structure: The antiparallel Hoogsteen Duplex'                                              
J.Am.Chem.Soc.             125 14603 14612 2003 JACSAT US 0002-7863 0004 ? ?        10.1021/ja035918f         
# 
loop_
_citation_author.citation_id 
_citation_author.name 
_citation_author.ordinal 
_citation_author.identifier_ORCID 
primary 'Abrescia, N.G.'   1  ? 
primary 'Gonzalez, C.'     2  ? 
primary 'Gouyette, C.'     3  ? 
primary 'Subirana, J.A.'   4  ? 
1       'Abrescia, N.G.A.' 5  ? 
1       'Thompson, A.'     6  ? 
1       'Huynh-Dinh, T.'   7  ? 
1       'Subirana, J.A.'   8  ? 
2       'Abrescia, N.G.A.' 9  ? 
2       'Subirana, J.A.'   10 ? 
3       'Cubero, E.'       11 ? 
3       'Abrescia, N.G.A.' 12 ? 
3       'Subirana, J.A.'   13 ? 
3       'Luque, J.F.'      14 ? 
3       'Orozco, M.'       15 ? 
# 
loop_
_entity.id 
_entity.type 
_entity.src_method 
_entity.pdbx_description 
_entity.formula_weight 
_entity.pdbx_number_of_molecules 
_entity.pdbx_ec 
_entity.pdbx_mutation 
_entity.pdbx_fragment 
_entity.details 
1 polymer syn "5'-D(*AP*TP*AP*TP*AP*T)-3'" 1807.241 4  ? ? ? ? 
2 water   nat water                        18.015   34 ? ? ? ? 
# 
_entity_poly.entity_id                      1 
_entity_poly.type                           polydeoxyribonucleotide 
_entity_poly.nstd_linkage                   no 
_entity_poly.nstd_monomer                   no 
_entity_poly.pdbx_seq_one_letter_code       '(DA)(DT)(DA)(DT)(DA)(DT)' 
_entity_poly.pdbx_seq_one_letter_code_can   ATATAT 
_entity_poly.pdbx_strand_id                 A,B,C,D 
_entity_poly.pdbx_target_identifier         ? 
# 
_pdbx_entity_nonpoly.entity_id   2 
_pdbx_entity_nonpoly.name        water 
_pdbx_entity_nonpoly.comp_id     HOH 
# 
loop_
_entity_poly_seq.entity_id 
_entity_poly_seq.num 
_entity_poly_seq.mon_id 
_entity_poly_seq.hetero 
1 1 DA n 
1 2 DT n 
1 3 DA n 
1 4 DT n 
1 5 DA n 
1 6 DT n 
# 
_pdbx_entity_src_syn.entity_id              1 
_pdbx_entity_src_syn.pdbx_src_id            1 
_pdbx_entity_src_syn.pdbx_alt_source_flag   sample 
_pdbx_entity_src_syn.pdbx_beg_seq_num       ? 
_pdbx_entity_src_syn.pdbx_end_seq_num       ? 
_pdbx_entity_src_syn.organism_scientific    ? 
_pdbx_entity_src_syn.organism_common_name   ? 
_pdbx_entity_src_syn.ncbi_taxonomy_id       ? 
_pdbx_entity_src_syn.details                
;The self-complementary hexamer d(ATATAT) was synthetized on automatic synthesizer by the phosphoramidite method and purified by gel filtration and reverse phase HPLC.
;
# 
loop_
_chem_comp.id 
_chem_comp.type 
_chem_comp.mon_nstd_flag 
_chem_comp.name 
_chem_comp.pdbx_synonyms 
_chem_comp.formula 
_chem_comp.formula_weight 
DA  'DNA linking' y "2'-DEOXYADENOSINE-5'-MONOPHOSPHATE" ? 'C10 H14 N5 O6 P' 331.222 
DT  'DNA linking' y "THYMIDINE-5'-MONOPHOSPHATE"         ? 'C10 H15 N2 O8 P' 322.208 
HOH non-polymer   . WATER                                ? 'H2 O'            18.015  
# 
loop_
_pdbx_poly_seq_scheme.asym_id 
_pdbx_poly_seq_scheme.entity_id 
_pdbx_poly_seq_scheme.seq_id 
_pdbx_poly_seq_scheme.mon_id 
_pdbx_poly_seq_scheme.ndb_seq_num 
_pdbx_poly_seq_scheme.pdb_seq_num 
_pdbx_poly_seq_scheme.auth_seq_num 
_pdbx_poly_seq_scheme.pdb_mon_id 
_pdbx_poly_seq_scheme.auth_mon_id 
_pdbx_poly_seq_scheme.pdb_strand_id 
_pdbx_poly_seq_scheme.pdb_ins_code 
_pdbx_poly_seq_scheme.hetero 
A 1 1 DA 1 1  1  DA A A . n 
A 1 2 DT 2 2  2  DT T A . n 
A 1 3 DA 3 3  3  DA A A . n 
A 1 4 DT 4 4  4  DT T A . n 
A 1 5 DA 5 5  5  DA A A . n 
A 1 6 DT 6 6  6  DT T A . n 
B 1 1 DA 1 7  7  DA A B . n 
B 1 2 DT 2 8  8  DT T B . n 
B 1 3 DA 3 9  9  DA A B . n 
B 1 4 DT 4 10 10 DT T B . n 
B 1 5 DA 5 11 11 DA A B . n 
B 1 6 DT 6 12 12 DT T B . n 
C 1 1 DA 1 13 13 DA A C . n 
C 1 2 DT 2 14 14 DT T C . n 
C 1 3 DA 3 15 15 DA A C . n 
C 1 4 DT 4 16 16 DT T C . n 
C 1 5 DA 5 17 17 DA A C . n 
C 1 6 DT 6 18 18 DT T C . n 
D 1 1 DA 1 19 19 DA A D . n 
D 1 2 DT 2 20 20 DT T D . n 
D 1 3 DA 3 21 21 DA A D . n 
D 1 4 DT 4 22 22 DT T D . n 
D 1 5 DA 5 23 23 DA A D . n 
D 1 6 DT 6 24 ?  ?  ? D . n 
# 
loop_
_pdbx_nonpoly_scheme.asym_id 
_pdbx_nonpoly_scheme.entity_id 
_pdbx_nonpoly_scheme.mon_id 
_pdbx_nonpoly_scheme.ndb_seq_num 
_pdbx_nonpoly_scheme.pdb_seq_num 
_pdbx_nonpoly_scheme.auth_seq_num 
_pdbx_nonpoly_scheme.pdb_mon_id 
_pdbx_nonpoly_scheme.auth_mon_id 
_pdbx_nonpoly_scheme.pdb_strand_id 
_pdbx_nonpoly_scheme.pdb_ins_code 
E 2 HOH 1  111 111 HOH HOH A . 
E 2 HOH 2  112 112 HOH HOH A . 
E 2 HOH 3  114 114 HOH HOH A . 
E 2 HOH 4  123 123 HOH HOH A . 
E 2 HOH 5  131 131 HOH HOH A . 
F 2 HOH 1  100 100 HOH HOH B . 
F 2 HOH 2  102 102 HOH HOH B . 
F 2 HOH 3  104 104 HOH HOH B . 
F 2 HOH 4  105 105 HOH HOH B . 
F 2 HOH 5  107 107 HOH HOH B . 
F 2 HOH 6  108 108 HOH HOH B . 
F 2 HOH 7  109 109 HOH HOH B . 
F 2 HOH 8  113 113 HOH HOH B . 
F 2 HOH 9  120 120 HOH HOH B . 
F 2 HOH 10 121 121 HOH HOH B . 
F 2 HOH 11 132 132 HOH HOH B . 
G 2 HOH 1  103 103 HOH HOH C . 
G 2 HOH 2  116 116 HOH HOH C . 
G 2 HOH 3  117 117 HOH HOH C . 
G 2 HOH 4  118 118 HOH HOH C . 
G 2 HOH 5  119 119 HOH HOH C . 
G 2 HOH 6  124 124 HOH HOH C . 
G 2 HOH 7  125 125 HOH HOH C . 
G 2 HOH 8  126 126 HOH HOH C . 
G 2 HOH 9  127 127 HOH HOH C . 
G 2 HOH 10 129 129 HOH HOH C . 
H 2 HOH 1  101 101 HOH HOH D . 
H 2 HOH 2  106 106 HOH HOH D . 
H 2 HOH 3  110 110 HOH HOH D . 
H 2 HOH 4  115 115 HOH HOH D . 
H 2 HOH 5  122 122 HOH HOH D . 
H 2 HOH 6  128 128 HOH HOH D . 
H 2 HOH 7  130 130 HOH HOH D . 
H 2 HOH 8  133 133 HOH HOH D . 
# 
loop_
_pdbx_unobs_or_zero_occ_atoms.id 
_pdbx_unobs_or_zero_occ_atoms.PDB_model_num 
_pdbx_unobs_or_zero_occ_atoms.polymer_flag 
_pdbx_unobs_or_zero_occ_atoms.occupancy_flag 
_pdbx_unobs_or_zero_occ_atoms.auth_asym_id 
_pdbx_unobs_or_zero_occ_atoms.auth_comp_id 
_pdbx_unobs_or_zero_occ_atoms.auth_seq_id 
_pdbx_unobs_or_zero_occ_atoms.PDB_ins_code 
_pdbx_unobs_or_zero_occ_atoms.auth_atom_id 
_pdbx_unobs_or_zero_occ_atoms.label_alt_id 
_pdbx_unobs_or_zero_occ_atoms.label_asym_id 
_pdbx_unobs_or_zero_occ_atoms.label_comp_id 
_pdbx_unobs_or_zero_occ_atoms.label_seq_id 
_pdbx_unobs_or_zero_occ_atoms.label_atom_id 
1  1 Y 1 D DA 23 ? "O5'" ? D DA 5 "O5'" 
2  1 Y 1 D DA 23 ? "C5'" ? D DA 5 "C5'" 
3  1 Y 1 D DA 23 ? "C4'" ? D DA 5 "C4'" 
4  1 Y 1 D DA 23 ? "O4'" ? D DA 5 "O4'" 
5  1 Y 1 D DA 23 ? "C3'" ? D DA 5 "C3'" 
6  1 Y 1 D DA 23 ? "O3'" ? D DA 5 "O3'" 
7  1 Y 1 D DA 23 ? "C2'" ? D DA 5 "C2'" 
8  1 Y 1 D DA 23 ? "C1'" ? D DA 5 "C1'" 
9  1 Y 1 D DA 23 ? N9    ? D DA 5 N9    
10 1 Y 1 D DA 23 ? C8    ? D DA 5 C8    
11 1 Y 1 D DA 23 ? N7    ? D DA 5 N7    
12 1 Y 1 D DA 23 ? C5    ? D DA 5 C5    
13 1 Y 1 D DA 23 ? C6    ? D DA 5 C6    
14 1 Y 1 D DA 23 ? N6    ? D DA 5 N6    
15 1 Y 1 D DA 23 ? N1    ? D DA 5 N1    
16 1 Y 1 D DA 23 ? C2    ? D DA 5 C2    
17 1 Y 1 D DA 23 ? N3    ? D DA 5 N3    
18 1 Y 1 D DA 23 ? C4    ? D DA 5 C4    
# 
loop_
_software.name 
_software.classification 
_software.version 
_software.citation_id 
_software.pdbx_ordinal 
DENZO     'data reduction' .   ? 1 
SCALEPACK 'data scaling'   .   ? 2 
AMoRE     phasing          .   ? 3 
CNS       refinement       1.1 ? 4 
# 
_cell.entry_id           1RSB 
_cell.length_a           32.313 
_cell.length_b           32.313 
_cell.length_c           117.779 
_cell.angle_alpha        90 
_cell.angle_beta         90 
_cell.angle_gamma        120 
_cell.pdbx_unique_axis   ? 
_cell.Z_PDB              24 
# 
_symmetry.entry_id                         1RSB 
_symmetry.space_group_name_H-M             'P 65' 
_symmetry.pdbx_full_space_group_name_H-M   ? 
_symmetry.Int_Tables_number                170 
_symmetry.cell_setting                     ? 
# 
_exptl.entry_id          1RSB 
_exptl.method            'X-RAY DIFFRACTION' 
_exptl.crystals_number   1 
# 
_exptl_crystal.id                    1 
_exptl_crystal.density_meas          ? 
_exptl_crystal.density_percent_sol   56.78 
_exptl_crystal.description           ? 
_exptl_crystal.density_Matthews      2.87 
# 
_exptl_crystal_grow.crystal_id      1 
_exptl_crystal_grow.method          'VAPOR DIFFUSION, HANGING DROP' 
_exptl_crystal_grow.temp            286 
_exptl_crystal_grow.temp_details    ? 
_exptl_crystal_grow.pH              6 
_exptl_crystal_grow.pdbx_details    'Spermine, NaCl,MPD,cacodylate, pH 6, VAPOR DIFFUSION, HANGING DROP, temperature 286K' 
_exptl_crystal_grow.pdbx_pH_range   . 
# 
loop_
_exptl_crystal_grow_comp.crystal_id 
_exptl_crystal_grow_comp.id 
_exptl_crystal_grow_comp.sol_id 
_exptl_crystal_grow_comp.name 
_exptl_crystal_grow_comp.volume 
_exptl_crystal_grow_comp.conc 
_exptl_crystal_grow_comp.details 
1 1 1 Spermine   ? ? ? 
1 2 1 NaCl       ? ? ? 
1 3 1 MPD        ? ? ? 
1 4 1 cacodylate ? ? ? 
1 5 1 H2O        ? ? ? 
1 6 2 MPD        ? ? ? 
1 7 2 cacodylate ? ? ? 
1 8 2 H2O        ? ? ? 
# 
_diffrn.id                     1 
_diffrn.ambient_temp           110 
_diffrn.ambient_temp_details   ? 
_diffrn.crystal_id             1 
# 
_diffrn_detector.diffrn_id              1 
_diffrn_detector.detector               'IMAGE PLATE' 
_diffrn_detector.type                   MARRESEARCH 
_diffrn_detector.pdbx_collection_date   1999-01-30 
_diffrn_detector.details                ? 
# 
_diffrn_radiation.diffrn_id                        1 
_diffrn_radiation.wavelength_id                    1 
_diffrn_radiation.pdbx_monochromatic_or_laue_m_l   M 
_diffrn_radiation.monochromator                    ? 
_diffrn_radiation.pdbx_diffrn_protocol             'SINGLE WAVELENGTH' 
_diffrn_radiation.pdbx_scattering_type             x-ray 
# 
_diffrn_radiation_wavelength.id           1 
_diffrn_radiation_wavelength.wavelength   0.81 
_diffrn_radiation_wavelength.wt           1.0 
# 
_diffrn_source.diffrn_id                   1 
_diffrn_source.source                      SYNCHROTRON 
_diffrn_source.type                        'EMBL/DESY, HAMBURG BEAMLINE X11' 
_diffrn_source.pdbx_synchrotron_site       'EMBL/DESY, HAMBURG' 
_diffrn_source.pdbx_synchrotron_beamline   X11 
_diffrn_source.pdbx_wavelength             ? 
_diffrn_source.pdbx_wavelength_list        0.81 
# 
_reflns.entry_id                     1RSB 
_reflns.observed_criterion_sigma_F   ? 
_reflns.observed_criterion_sigma_I   ? 
_reflns.d_resolution_high            2.17 
_reflns.d_resolution_low             20 
_reflns.number_all                   3712 
_reflns.number_obs                   3693 
_reflns.percent_possible_obs         98.3 
_reflns.pdbx_Rmerge_I_obs            0.046 
_reflns.pdbx_Rsym_value              ? 
_reflns.pdbx_netI_over_sigmaI        38.2 
_reflns.B_iso_Wilson_estimate        ? 
_reflns.pdbx_redundancy              19.4 
_reflns.R_free_details               ? 
_reflns.pdbx_diffrn_id               1 
_reflns.pdbx_ordinal                 1 
# 
_reflns_shell.d_res_high             2.17 
_reflns_shell.d_res_low              2.22 
_reflns_shell.percent_possible_all   97.7 
_reflns_shell.Rmerge_I_obs           0.46 
_reflns_shell.pdbx_Rsym_value        ? 
_reflns_shell.meanI_over_sigI_obs    3.1 
_reflns_shell.pdbx_redundancy        ? 
_reflns_shell.percent_possible_obs   ? 
_reflns_shell.number_unique_all      213 
_reflns_shell.pdbx_diffrn_id         ? 
_reflns_shell.pdbx_ordinal           1 
# 
_refine.entry_id                                 1RSB 
_refine.ls_d_res_high                            2.17 
_refine.ls_d_res_low                             15 
_refine.pdbx_ls_sigma_F                          0 
_refine.pdbx_ls_sigma_I                          ? 
_refine.ls_number_reflns_all                     3674 
_refine.ls_number_reflns_obs                     3475 
_refine.ls_number_reflns_R_free                  313 
_refine.ls_percent_reflns_obs                    94.6 
_refine.ls_R_factor_all                          ? 
_refine.ls_R_factor_obs                          ? 
_refine.ls_R_factor_R_work                       0.2177 
_refine.ls_R_factor_R_free                       0.2625 
_refine.ls_redundancy_reflns_obs                 ? 
_refine.pdbx_data_cutoff_high_absF               ? 
_refine.pdbx_data_cutoff_low_absF                ? 
_refine.ls_number_parameters                     ? 
_refine.ls_number_restraints                     ? 
_refine.ls_percent_reflns_R_free                 ? 
_refine.ls_R_factor_R_free_error                 ? 
_refine.ls_R_factor_R_free_error_details         ? 
_refine.pdbx_method_to_determine_struct          'MOLECULAR REPLACEMENT' 
_refine.pdbx_starting_model                      'NDB entry UD0035' 
_refine.pdbx_ls_cross_valid_method               THROUGHOUT 
_refine.pdbx_R_Free_selection_details            RANDOM 
_refine.pdbx_stereochem_target_val_spec_case     ? 
_refine.pdbx_stereochemistry_target_values       'CNS top/param files' 
_refine.solvent_model_details                    ? 
_refine.solvent_model_param_bsol                 ? 
_refine.solvent_model_param_ksol                 ? 
_refine.occupancy_max                            ? 
_refine.occupancy_min                            ? 
_refine.pdbx_isotropic_thermal_model             Anistropic 
_refine.B_iso_mean                               ? 
_refine.aniso_B[1][1]                            ? 
_refine.aniso_B[1][2]                            ? 
_refine.aniso_B[1][3]                            ? 
_refine.aniso_B[2][2]                            ? 
_refine.aniso_B[2][3]                            ? 
_refine.aniso_B[3][3]                            ? 
_refine.details                                  
;Used target= twin_lsq   
(twinned crystal)
;
_refine.correlation_coeff_Fo_to_Fc               ? 
_refine.correlation_coeff_Fo_to_Fc_free          ? 
_refine.pdbx_solvent_vdw_probe_radii             ? 
_refine.pdbx_solvent_ion_probe_radii             ? 
_refine.pdbx_solvent_shrinkage_radii             ? 
_refine.overall_SU_R_Cruickshank_DPI             ? 
_refine.overall_SU_R_free                        ? 
_refine.overall_SU_B                             ? 
_refine.overall_SU_ML                            ? 
_refine.pdbx_overall_ESU_R                       ? 
_refine.pdbx_overall_ESU_R_Free                  ? 
_refine.pdbx_data_cutoff_high_rms_absF           ? 
_refine.pdbx_refine_id                           'X-RAY DIFFRACTION' 
_refine.pdbx_diffrn_id                           1 
_refine.pdbx_TLS_residual_ADP_flag               ? 
_refine.pdbx_overall_phase_error                 ? 
_refine.pdbx_overall_SU_R_free_Cruickshank_DPI   ? 
_refine.pdbx_overall_SU_R_Blow_DPI               ? 
_refine.pdbx_overall_SU_R_free_Blow_DPI          ? 
# 
_refine_hist.pdbx_refine_id                   'X-RAY DIFFRACTION' 
_refine_hist.cycle_id                         LAST 
_refine_hist.pdbx_number_atoms_protein        0 
_refine_hist.pdbx_number_atoms_nucleic_acid   442 
_refine_hist.pdbx_number_atoms_ligand         0 
_refine_hist.number_atoms_solvent             34 
_refine_hist.number_atoms_total               476 
_refine_hist.d_res_high                       2.17 
_refine_hist.d_res_low                        15 
# 
loop_
_refine_ls_restr.type 
_refine_ls_restr.dev_ideal 
_refine_ls_restr.dev_ideal_target 
_refine_ls_restr.weight 
_refine_ls_restr.number 
_refine_ls_restr.pdbx_refine_id 
_refine_ls_restr.pdbx_restraint_function 
c_bond_d    0.006627 ? ? ? 'X-RAY DIFFRACTION' ? 
c_angle_deg 1.19291  ? ? ? 'X-RAY DIFFRACTION' ? 
# 
loop_
_refine_ls_shell.pdbx_total_number_of_bins_used 
_refine_ls_shell.d_res_high 
_refine_ls_shell.d_res_low 
_refine_ls_shell.number_reflns_R_work 
_refine_ls_shell.R_factor_R_work 
_refine_ls_shell.percent_reflns_obs 
_refine_ls_shell.R_factor_R_free 
_refine_ls_shell.R_factor_R_free_error 
_refine_ls_shell.percent_reflns_R_free 
_refine_ls_shell.number_reflns_R_free 
_refine_ls_shell.redundancy_reflns_obs 
_refine_ls_shell.pdbx_refine_id 
_refine_ls_shell.number_reflns_all 
_refine_ls_shell.R_factor_all 
. 2.17 2.27 . 0.449 . 0.356 . . 34 . 'X-RAY DIFFRACTION' . . 
. 2.27 2.39 . 0.449 . 0.356 . . 40 . 'X-RAY DIFFRACTION' . . 
# 
_struct.entry_id                  1RSB 
_struct.title                     'X-ray study of the DNA oligomer d(ATATAT) in P65 space group' 
_struct.pdbx_model_details        ? 
_struct.pdbx_CASP_flag            ? 
_struct.pdbx_model_type_details   ? 
# 
_struct_keywords.entry_id        1RSB 
_struct_keywords.pdbx_keywords   DNA 
_struct_keywords.text            'Antiparallel Hoogsteen DNA, DNA' 
# 
loop_
_struct_asym.id 
_struct_asym.pdbx_blank_PDB_chainid_flag 
_struct_asym.pdbx_modified 
_struct_asym.entity_id 
_struct_asym.details 
A N N 1 ? 
B N N 1 ? 
C N N 1 ? 
D N N 1 ? 
E N N 2 ? 
F N N 2 ? 
G N N 2 ? 
H N N 2 ? 
# 
_struct_ref.id                         1 
_struct_ref.entity_id                  1 
_struct_ref.db_name                    PDB 
_struct_ref.db_code                    1RSB 
_struct_ref.pdbx_db_accession          1RSB 
_struct_ref.pdbx_db_isoform            ? 
_struct_ref.pdbx_seq_one_letter_code   ? 
_struct_ref.pdbx_align_begin           ? 
# 
loop_
_struct_ref_seq.align_id 
_struct_ref_seq.ref_id 
_struct_ref_seq.pdbx_PDB_id_code 
_struct_ref_seq.pdbx_strand_id 
_struct_ref_seq.seq_align_beg 
_struct_ref_seq.pdbx_seq_align_beg_ins_code 
_struct_ref_seq.seq_align_end 
_struct_ref_seq.pdbx_seq_align_end_ins_code 
_struct_ref_seq.pdbx_db_accession 
_struct_ref_seq.db_align_beg 
_struct_ref_seq.pdbx_db_align_beg_ins_code 
_struct_ref_seq.db_align_end 
_struct_ref_seq.pdbx_db_align_end_ins_code 
_struct_ref_seq.pdbx_auth_seq_align_beg 
_struct_ref_seq.pdbx_auth_seq_align_end 
1 1 1RSB A 1 ? 6 ? 1RSB 1  ? 6  ? 1  6  
2 1 1RSB B 1 ? 6 ? 1RSB 7  ? 12 ? 7  12 
3 1 1RSB C 1 ? 6 ? 1RSB 13 ? 18 ? 13 18 
4 1 1RSB D 1 ? 6 ? 1RSB 19 ? 24 ? 19 24 
# 
_pdbx_struct_assembly.id                   1 
_pdbx_struct_assembly.details              author_defined_assembly 
_pdbx_struct_assembly.method_details       ? 
_pdbx_struct_assembly.oligomeric_details   tetrameric 
_pdbx_struct_assembly.oligomeric_count     4 
# 
_pdbx_struct_assembly_gen.assembly_id       1 
_pdbx_struct_assembly_gen.oper_expression   1 
_pdbx_struct_assembly_gen.asym_id_list      A,B,C,D,E,F,G,H 
# 
_pdbx_struct_oper_list.id                   1 
_pdbx_struct_oper_list.type                 'identity operation' 
_pdbx_struct_oper_list.name                 1_555 
_pdbx_struct_oper_list.symmetry_operation   x,y,z 
_pdbx_struct_oper_list.matrix[1][1]         1.0000000000 
_pdbx_struct_oper_list.matrix[1][2]         0.0000000000 
_pdbx_struct_oper_list.matrix[1][3]         0.0000000000 
_pdbx_struct_oper_list.vector[1]            0.0000000000 
_pdbx_struct_oper_list.matrix[2][1]         0.0000000000 
_pdbx_struct_oper_list.matrix[2][2]         1.0000000000 
_pdbx_struct_oper_list.matrix[2][3]         0.0000000000 
_pdbx_struct_oper_list.vector[2]            0.0000000000 
_pdbx_struct_oper_list.matrix[3][1]         0.0000000000 
_pdbx_struct_oper_list.matrix[3][2]         0.0000000000 
_pdbx_struct_oper_list.matrix[3][3]         1.0000000000 
_pdbx_struct_oper_list.vector[3]            0.0000000000 
# 
_struct_biol.id                    1 
_struct_biol.pdbx_parent_biol_id   ? 
_struct_biol.details               ? 
# 
loop_
_struct_conn.id 
_struct_conn.conn_type_id 
_struct_conn.pdbx_leaving_atom_flag 
_struct_conn.pdbx_PDB_id 
_struct_conn.ptnr1_label_asym_id 
_struct_conn.ptnr1_label_comp_id 
_struct_conn.ptnr1_label_seq_id 
_struct_conn.ptnr1_label_atom_id 
_struct_conn.pdbx_ptnr1_label_alt_id 
_struct_conn.pdbx_ptnr1_PDB_ins_code 
_struct_conn.pdbx_ptnr1_standard_comp_id 
_struct_conn.ptnr1_symmetry 
_struct_conn.ptnr2_label_asym_id 
_struct_conn.ptnr2_label_comp_id 
_struct_conn.ptnr2_label_seq_id 
_struct_conn.ptnr2_label_atom_id 
_struct_conn.pdbx_ptnr2_label_alt_id 
_struct_conn.pdbx_ptnr2_PDB_ins_code 
_struct_conn.ptnr1_auth_asym_id 
_struct_conn.ptnr1_auth_comp_id 
_struct_conn.ptnr1_auth_seq_id 
_struct_conn.ptnr2_auth_asym_id 
_struct_conn.ptnr2_auth_comp_id 
_struct_conn.ptnr2_auth_seq_id 
_struct_conn.ptnr2_symmetry 
_struct_conn.pdbx_ptnr3_label_atom_id 
_struct_conn.pdbx_ptnr3_label_seq_id 
_struct_conn.pdbx_ptnr3_label_comp_id 
_struct_conn.pdbx_ptnr3_label_asym_id 
_struct_conn.pdbx_ptnr3_label_alt_id 
_struct_conn.pdbx_ptnr3_PDB_ins_code 
_struct_conn.details 
_struct_conn.pdbx_dist_value 
_struct_conn.pdbx_value_order 
_struct_conn.pdbx_role 
hydrog1  hydrog ? ? A DA 1 N6 ? ? ? 1_555 B DT 6 O4 ? ? A DA 1  B DT 12 1_555 ? ? ? ? ? ? HOOGSTEEN ? ? ? 
hydrog2  hydrog ? ? A DA 1 N7 ? ? ? 1_555 B DT 6 N3 ? ? A DA 1  B DT 12 1_555 ? ? ? ? ? ? HOOGSTEEN ? ? ? 
hydrog3  hydrog ? ? A DT 2 N3 ? ? ? 1_555 B DA 5 N7 ? ? A DT 2  B DA 11 1_555 ? ? ? ? ? ? HOOGSTEEN ? ? ? 
hydrog4  hydrog ? ? A DT 2 O4 ? ? ? 1_555 B DA 5 N6 ? ? A DT 2  B DA 11 1_555 ? ? ? ? ? ? HOOGSTEEN ? ? ? 
hydrog5  hydrog ? ? A DA 3 N6 ? ? ? 1_555 B DT 4 O4 ? ? A DA 3  B DT 10 1_555 ? ? ? ? ? ? HOOGSTEEN ? ? ? 
hydrog6  hydrog ? ? A DA 3 N7 ? ? ? 1_555 B DT 4 N3 ? ? A DA 3  B DT 10 1_555 ? ? ? ? ? ? HOOGSTEEN ? ? ? 
hydrog7  hydrog ? ? A DT 4 N3 ? ? ? 1_555 B DA 3 N7 ? ? A DT 4  B DA 9  1_555 ? ? ? ? ? ? HOOGSTEEN ? ? ? 
hydrog8  hydrog ? ? A DT 4 O4 ? ? ? 1_555 B DA 3 N6 ? ? A DT 4  B DA 9  1_555 ? ? ? ? ? ? HOOGSTEEN ? ? ? 
hydrog9  hydrog ? ? A DA 5 N6 ? ? ? 1_555 B DT 2 O4 ? ? A DA 5  B DT 8  1_555 ? ? ? ? ? ? HOOGSTEEN ? ? ? 
hydrog10 hydrog ? ? A DA 5 N7 ? ? ? 1_555 B DT 2 N3 ? ? A DA 5  B DT 8  1_555 ? ? ? ? ? ? HOOGSTEEN ? ? ? 
hydrog11 hydrog ? ? A DT 6 N3 ? ? ? 1_555 B DA 1 N7 ? ? A DT 6  B DA 7  1_555 ? ? ? ? ? ? HOOGSTEEN ? ? ? 
hydrog12 hydrog ? ? A DT 6 O4 ? ? ? 1_555 B DA 1 N6 ? ? A DT 6  B DA 7  1_555 ? ? ? ? ? ? HOOGSTEEN ? ? ? 
hydrog13 hydrog ? ? C DA 1 N6 ? ? ? 1_555 D DT 4 O4 ? ? C DA 13 D DT 22 1_555 ? ? ? ? ? ? HOOGSTEEN ? ? ? 
hydrog14 hydrog ? ? C DA 1 N7 ? ? ? 1_555 D DT 4 N3 ? ? C DA 13 D DT 22 1_555 ? ? ? ? ? ? HOOGSTEEN ? ? ? 
hydrog15 hydrog ? ? C DT 2 N3 ? ? ? 1_555 D DA 3 N7 ? ? C DT 14 D DA 21 1_555 ? ? ? ? ? ? HOOGSTEEN ? ? ? 
hydrog16 hydrog ? ? C DT 2 O4 ? ? ? 1_555 D DA 3 N6 ? ? C DT 14 D DA 21 1_555 ? ? ? ? ? ? HOOGSTEEN ? ? ? 
hydrog17 hydrog ? ? C DA 3 N6 ? ? ? 1_555 D DT 2 O4 ? ? C DA 15 D DT 20 1_555 ? ? ? ? ? ? HOOGSTEEN ? ? ? 
hydrog18 hydrog ? ? C DA 3 N7 ? ? ? 1_555 D DT 2 N3 ? ? C DA 15 D DT 20 1_555 ? ? ? ? ? ? HOOGSTEEN ? ? ? 
hydrog19 hydrog ? ? C DT 4 N3 ? ? ? 1_555 D DA 1 N7 ? ? C DT 16 D DA 19 1_555 ? ? ? ? ? ? HOOGSTEEN ? ? ? 
hydrog20 hydrog ? ? C DT 4 O4 ? ? ? 1_555 D DA 1 N6 ? ? C DT 16 D DA 19 1_555 ? ? ? ? ? ? HOOGSTEEN ? ? ? 
# 
_struct_conn_type.id          hydrog 
_struct_conn_type.criteria    ? 
_struct_conn_type.reference   ? 
# 
_pdbx_unobs_or_zero_occ_residues.id               1 
_pdbx_unobs_or_zero_occ_residues.PDB_model_num    1 
_pdbx_unobs_or_zero_occ_residues.polymer_flag     Y 
_pdbx_unobs_or_zero_occ_residues.occupancy_flag   1 
_pdbx_unobs_or_zero_occ_residues.auth_asym_id     D 
_pdbx_unobs_or_zero_occ_residues.auth_comp_id     DT 
_pdbx_unobs_or_zero_occ_residues.auth_seq_id      24 
_pdbx_unobs_or_zero_occ_residues.PDB_ins_code     ? 
_pdbx_unobs_or_zero_occ_residues.label_asym_id    D 
_pdbx_unobs_or_zero_occ_residues.label_comp_id    DT 
_pdbx_unobs_or_zero_occ_residues.label_seq_id     6 
# 
loop_
_chem_comp_atom.comp_id 
_chem_comp_atom.atom_id 
_chem_comp_atom.type_symbol 
_chem_comp_atom.pdbx_aromatic_flag 
_chem_comp_atom.pdbx_stereo_config 
_chem_comp_atom.pdbx_ordinal 
DA  OP3    O N N 1  
DA  P      P N N 2  
DA  OP1    O N N 3  
DA  OP2    O N N 4  
DA  "O5'"  O N N 5  
DA  "C5'"  C N N 6  
DA  "C4'"  C N R 7  
DA  "O4'"  O N N 8  
DA  "C3'"  C N S 9  
DA  "O3'"  O N N 10 
DA  "C2'"  C N N 11 
DA  "C1'"  C N R 12 
DA  N9     N Y N 13 
DA  C8     C Y N 14 
DA  N7     N Y N 15 
DA  C5     C Y N 16 
DA  C6     C Y N 17 
DA  N6     N N N 18 
DA  N1     N Y N 19 
DA  C2     C Y N 20 
DA  N3     N Y N 21 
DA  C4     C Y N 22 
DA  HOP3   H N N 23 
DA  HOP2   H N N 24 
DA  "H5'"  H N N 25 
DA  "H5''" H N N 26 
DA  "H4'"  H N N 27 
DA  "H3'"  H N N 28 
DA  "HO3'" H N N 29 
DA  "H2'"  H N N 30 
DA  "H2''" H N N 31 
DA  "H1'"  H N N 32 
DA  H8     H N N 33 
DA  H61    H N N 34 
DA  H62    H N N 35 
DA  H2     H N N 36 
DT  OP3    O N N 37 
DT  P      P N N 38 
DT  OP1    O N N 39 
DT  OP2    O N N 40 
DT  "O5'"  O N N 41 
DT  "C5'"  C N N 42 
DT  "C4'"  C N R 43 
DT  "O4'"  O N N 44 
DT  "C3'"  C N S 45 
DT  "O3'"  O N N 46 
DT  "C2'"  C N N 47 
DT  "C1'"  C N R 48 
DT  N1     N N N 49 
DT  C2     C N N 50 
DT  O2     O N N 51 
DT  N3     N N N 52 
DT  C4     C N N 53 
DT  O4     O N N 54 
DT  C5     C N N 55 
DT  C7     C N N 56 
DT  C6     C N N 57 
DT  HOP3   H N N 58 
DT  HOP2   H N N 59 
DT  "H5'"  H N N 60 
DT  "H5''" H N N 61 
DT  "H4'"  H N N 62 
DT  "H3'"  H N N 63 
DT  "HO3'" H N N 64 
DT  "H2'"  H N N 65 
DT  "H2''" H N N 66 
DT  "H1'"  H N N 67 
DT  H3     H N N 68 
DT  H71    H N N 69 
DT  H72    H N N 70 
DT  H73    H N N 71 
DT  H6     H N N 72 
HOH O      O N N 73 
HOH H1     H N N 74 
HOH H2     H N N 75 
# 
loop_
_chem_comp_bond.comp_id 
_chem_comp_bond.atom_id_1 
_chem_comp_bond.atom_id_2 
_chem_comp_bond.value_order 
_chem_comp_bond.pdbx_aromatic_flag 
_chem_comp_bond.pdbx_stereo_config 
_chem_comp_bond.pdbx_ordinal 
DA  OP3   P      sing N N 1  
DA  OP3   HOP3   sing N N 2  
DA  P     OP1    doub N N 3  
DA  P     OP2    sing N N 4  
DA  P     "O5'"  sing N N 5  
DA  OP2   HOP2   sing N N 6  
DA  "O5'" "C5'"  sing N N 7  
DA  "C5'" "C4'"  sing N N 8  
DA  "C5'" "H5'"  sing N N 9  
DA  "C5'" "H5''" sing N N 10 
DA  "C4'" "O4'"  sing N N 11 
DA  "C4'" "C3'"  sing N N 12 
DA  "C4'" "H4'"  sing N N 13 
DA  "O4'" "C1'"  sing N N 14 
DA  "C3'" "O3'"  sing N N 15 
DA  "C3'" "C2'"  sing N N 16 
DA  "C3'" "H3'"  sing N N 17 
DA  "O3'" "HO3'" sing N N 18 
DA  "C2'" "C1'"  sing N N 19 
DA  "C2'" "H2'"  sing N N 20 
DA  "C2'" "H2''" sing N N 21 
DA  "C1'" N9     sing N N 22 
DA  "C1'" "H1'"  sing N N 23 
DA  N9    C8     sing Y N 24 
DA  N9    C4     sing Y N 25 
DA  C8    N7     doub Y N 26 
DA  C8    H8     sing N N 27 
DA  N7    C5     sing Y N 28 
DA  C5    C6     sing Y N 29 
DA  C5    C4     doub Y N 30 
DA  C6    N6     sing N N 31 
DA  C6    N1     doub Y N 32 
DA  N6    H61    sing N N 33 
DA  N6    H62    sing N N 34 
DA  N1    C2     sing Y N 35 
DA  C2    N3     doub Y N 36 
DA  C2    H2     sing N N 37 
DA  N3    C4     sing Y N 38 
DT  OP3   P      sing N N 39 
DT  OP3   HOP3   sing N N 40 
DT  P     OP1    doub N N 41 
DT  P     OP2    sing N N 42 
DT  P     "O5'"  sing N N 43 
DT  OP2   HOP2   sing N N 44 
DT  "O5'" "C5'"  sing N N 45 
DT  "C5'" "C4'"  sing N N 46 
DT  "C5'" "H5'"  sing N N 47 
DT  "C5'" "H5''" sing N N 48 
DT  "C4'" "O4'"  sing N N 49 
DT  "C4'" "C3'"  sing N N 50 
DT  "C4'" "H4'"  sing N N 51 
DT  "O4'" "C1'"  sing N N 52 
DT  "C3'" "O3'"  sing N N 53 
DT  "C3'" "C2'"  sing N N 54 
DT  "C3'" "H3'"  sing N N 55 
DT  "O3'" "HO3'" sing N N 56 
DT  "C2'" "C1'"  sing N N 57 
DT  "C2'" "H2'"  sing N N 58 
DT  "C2'" "H2''" sing N N 59 
DT  "C1'" N1     sing N N 60 
DT  "C1'" "H1'"  sing N N 61 
DT  N1    C2     sing N N 62 
DT  N1    C6     sing N N 63 
DT  C2    O2     doub N N 64 
DT  C2    N3     sing N N 65 
DT  N3    C4     sing N N 66 
DT  N3    H3     sing N N 67 
DT  C4    O4     doub N N 68 
DT  C4    C5     sing N N 69 
DT  C5    C7     sing N N 70 
DT  C5    C6     doub N N 71 
DT  C7    H71    sing N N 72 
DT  C7    H72    sing N N 73 
DT  C7    H73    sing N N 74 
DT  C6    H6     sing N N 75 
HOH O     H1     sing N N 76 
HOH O     H2     sing N N 77 
# 
_ndb_struct_conf_na.entry_id   1RSB 
_ndb_struct_conf_na.feature    'double helix' 
# 
loop_
_ndb_struct_na_base_pair.model_number 
_ndb_struct_na_base_pair.i_label_asym_id 
_ndb_struct_na_base_pair.i_label_comp_id 
_ndb_struct_na_base_pair.i_label_seq_id 
_ndb_struct_na_base_pair.i_symmetry 
_ndb_struct_na_base_pair.j_label_asym_id 
_ndb_struct_na_base_pair.j_label_comp_id 
_ndb_struct_na_base_pair.j_label_seq_id 
_ndb_struct_na_base_pair.j_symmetry 
_ndb_struct_na_base_pair.shear 
_ndb_struct_na_base_pair.stretch 
_ndb_struct_na_base_pair.stagger 
_ndb_struct_na_base_pair.buckle 
_ndb_struct_na_base_pair.propeller 
_ndb_struct_na_base_pair.opening 
_ndb_struct_na_base_pair.pair_number 
_ndb_struct_na_base_pair.pair_name 
_ndb_struct_na_base_pair.i_auth_asym_id 
_ndb_struct_na_base_pair.i_auth_seq_id 
_ndb_struct_na_base_pair.i_PDB_ins_code 
_ndb_struct_na_base_pair.j_auth_asym_id 
_ndb_struct_na_base_pair.j_auth_seq_id 
_ndb_struct_na_base_pair.j_PDB_ins_code 
_ndb_struct_na_base_pair.hbond_type_28 
_ndb_struct_na_base_pair.hbond_type_12 
1 B DA 1 1_555 A DT 6 1_555 0.586  -3.781 0.629  -9.876  26.825  69.001  1  B_DA7:DT6_A   B 7  ? A 6  ? 23 3 
1 B DT 2 1_555 A DA 5 1_555 -0.411 3.484  0.811  -30.137 3.307   -71.870 2  B_DT8:DA5_A   B 8  ? A 5  ? 23 3 
1 B DA 3 1_555 A DT 4 1_555 0.098  -3.258 -0.470 7.898   14.234  66.588  3  B_DA9:DT4_A   B 9  ? A 4  ? 23 3 
1 B DT 4 1_555 A DA 3 1_555 -0.287 3.356  0.275  -16.447 -6.486  -65.295 4  B_DT10:DA3_A  B 10 ? A 3  ? 23 3 
1 B DA 5 1_555 A DT 2 1_555 0.434  -3.552 -0.652 21.806  -2.389  63.547  5  B_DA11:DT2_A  B 11 ? A 2  ? 23 3 
1 B DT 6 1_555 A DA 1 1_555 -0.627 3.490  -0.278 6.357   -19.622 -71.132 6  B_DT12:DA1_A  B 12 ? A 1  ? 23 3 
1 C DA 1 1_555 D DT 4 1_555 0.663  -3.842 0.315  1.075   18.576  67.205  7  C_DA13:DT22_D C 13 ? D 22 ? 23 3 
1 C DT 2 1_555 D DA 3 1_555 -0.335 3.679  -0.025 -15.367 -8.661  -59.556 8  C_DT14:DA21_D C 14 ? D 21 ? 23 3 
1 C DA 3 1_555 D DT 2 1_555 0.398  -3.601 -0.767 10.556  0.578   64.128  9  C_DA15:DT20_D C 15 ? D 20 ? 23 3 
1 C DT 4 1_555 D DA 1 1_555 -0.057 2.967  -0.091 0.371   -17.212 -67.275 10 C_DT16:DA19_D C 16 ? D 19 ? 23 3 
# 
loop_
_ndb_struct_na_base_pair_step.model_number 
_ndb_struct_na_base_pair_step.i_label_asym_id_1 
_ndb_struct_na_base_pair_step.i_label_comp_id_1 
_ndb_struct_na_base_pair_step.i_label_seq_id_1 
_ndb_struct_na_base_pair_step.i_symmetry_1 
_ndb_struct_na_base_pair_step.j_label_asym_id_1 
_ndb_struct_na_base_pair_step.j_label_comp_id_1 
_ndb_struct_na_base_pair_step.j_label_seq_id_1 
_ndb_struct_na_base_pair_step.j_symmetry_1 
_ndb_struct_na_base_pair_step.i_label_asym_id_2 
_ndb_struct_na_base_pair_step.i_label_comp_id_2 
_ndb_struct_na_base_pair_step.i_label_seq_id_2 
_ndb_struct_na_base_pair_step.i_symmetry_2 
_ndb_struct_na_base_pair_step.j_label_asym_id_2 
_ndb_struct_na_base_pair_step.j_label_comp_id_2 
_ndb_struct_na_base_pair_step.j_label_seq_id_2 
_ndb_struct_na_base_pair_step.j_symmetry_2 
_ndb_struct_na_base_pair_step.shift 
_ndb_struct_na_base_pair_step.slide 
_ndb_struct_na_base_pair_step.rise 
_ndb_struct_na_base_pair_step.tilt 
_ndb_struct_na_base_pair_step.roll 
_ndb_struct_na_base_pair_step.twist 
_ndb_struct_na_base_pair_step.x_displacement 
_ndb_struct_na_base_pair_step.y_displacement 
_ndb_struct_na_base_pair_step.helical_rise 
_ndb_struct_na_base_pair_step.inclination 
_ndb_struct_na_base_pair_step.tip 
_ndb_struct_na_base_pair_step.helical_twist 
_ndb_struct_na_base_pair_step.step_number 
_ndb_struct_na_base_pair_step.step_name 
_ndb_struct_na_base_pair_step.i_auth_asym_id_1 
_ndb_struct_na_base_pair_step.i_auth_seq_id_1 
_ndb_struct_na_base_pair_step.i_PDB_ins_code_1 
_ndb_struct_na_base_pair_step.j_auth_asym_id_1 
_ndb_struct_na_base_pair_step.j_auth_seq_id_1 
_ndb_struct_na_base_pair_step.j_PDB_ins_code_1 
_ndb_struct_na_base_pair_step.i_auth_asym_id_2 
_ndb_struct_na_base_pair_step.i_auth_seq_id_2 
_ndb_struct_na_base_pair_step.i_PDB_ins_code_2 
_ndb_struct_na_base_pair_step.j_auth_asym_id_2 
_ndb_struct_na_base_pair_step.j_auth_seq_id_2 
_ndb_struct_na_base_pair_step.j_PDB_ins_code_2 
1 B DA 1 1_555 A DT 6 1_555 B DT 2 1_555 A DA 5 1_555 0.621  4.371  1.038  -91.909  146.813  -134.735 -2.245 0.273  -0.338 -73.628 
-46.093 -177.388 1 BB_DA7DT8:DA5DT6_AA     B 7  ? A 6  ? B 8  ? A 5  ? 
1 B DT 2 1_555 A DA 5 1_555 B DA 3 1_555 A DT 4 1_555 -1.351 4.325  -3.478 155.817  -73.767  -80.205  -2.501 -1.386 0.105  37.462  
79.129  -174.186 2 BB_DT8DA9:DT4DA5_AA     B 8  ? A 5  ? B 9  ? A 4  ? 
1 B DA 3 1_555 A DT 4 1_555 B DT 4 1_555 A DA 3 1_555 0.884  3.918  1.081  -87.677  149.390  -124.315 -2.032 0.400  -0.411 -75.033 
-44.037 -176.834 3 BB_DA9DT10:DA3DT4_AA    B 9  ? A 4  ? B 10 ? A 3  ? 
1 B DT 4 1_555 A DA 3 1_555 B DA 5 1_555 A DT 2 1_555 -2.216 4.561  -2.231 160.045  -71.250  -129.884 -2.399 -1.373 -0.379 35.717  
80.229  -177.963 4 BB_DT10DA11:DT2DA3_AA   B 10 ? A 3  ? B 11 ? A 2  ? 
1 B DA 5 1_555 A DT 2 1_555 B DT 6 1_555 A DA 1 1_555 -0.793 -4.044 -1.264 95.896   -144.354 132.671  -2.131 0.325  0.016  -72.411 
-48.104 177.313  5 BB_DA11DT12:DA1DT2_AA   B 11 ? A 2  ? B 12 ? A 1  ? 
1 B DT 6 1_555 A DA 1 1_555 C DA 1 1_555 D DT 4 1_555 0.618  -4.311 1.579  -168.102 55.740   110.953  -2.243 -0.571 0.200  27.950  
84.293  178.358  6 BC_DT12DA13:DT22DA1_DA  B 12 ? A 1  ? C 13 ? D 22 ? 
1 C DA 1 1_555 D DT 4 1_555 C DT 2 1_555 D DA 3 1_555 0.526  4.335  1.115  -98.067  145.054  -142.053 -2.244 0.212  -0.016 -72.637 
-49.108 -178.405 7 CC_DA13DT14:DA21DT22_DD C 13 ? D 22 ? C 14 ? D 21 ? 
1 C DT 2 1_555 D DA 3 1_555 C DA 3 1_555 D DT 2 1_555 -1.382 4.368  -3.442 152.539  -68.865  -87.385  -2.509 -1.398 -0.182 35.233  
78.042  -170.872 8 CC_DT14DA15:DT20DA21_DD C 14 ? D 21 ? C 15 ? D 20 ? 
1 C DA 3 1_555 D DT 2 1_555 C DT 4 1_555 D DA 1 1_555 3.065  0.760  2.765  -86.351  153.165  26.248   -0.509 -2.035 -0.193 77.986  
43.967  175.939  9 CC_DA15DT16:DA19DT20_DD C 15 ? D 20 ? C 16 ? D 19 ? 
# 
_atom_sites.entry_id                    1RSB 
_atom_sites.fract_transf_matrix[1][1]   0.00586157 
_atom_sites.fract_transf_matrix[1][2]   0.02923039 
_atom_sites.fract_transf_matrix[1][3]   0.01970209 
_atom_sites.fract_transf_matrix[2][1]   0.00059180 
_atom_sites.fract_transf_matrix[2][2]   0.03218412 
_atom_sites.fract_transf_matrix[2][3]   -0.01551846 
_atom_sites.fract_transf_matrix[3][1]   -0.00835039 
_atom_sites.fract_transf_matrix[3][2]   0.00078784 
_atom_sites.fract_transf_matrix[3][3]   0.00131547 
_atom_sites.fract_transf_vector[1]      0.555537 
_atom_sites.fract_transf_vector[2]      0.096836 
_atom_sites.fract_transf_vector[3]      0.005612 
# 
loop_
_atom_type.symbol 
C 
N 
O 
P 
# 
loop_
_atom_site.group_PDB 
_atom_site.id 
_atom_site.type_symbol 
_atom_site.label_atom_id 
_atom_site.label_alt_id 
_atom_site.label_comp_id 
_atom_site.label_asym_id 
_atom_site.label_entity_id 
_atom_site.label_seq_id 
_atom_site.pdbx_PDB_ins_code 
_atom_site.Cartn_x 
_atom_site.Cartn_y 
_atom_site.Cartn_z 
_atom_site.occupancy 
_atom_site.B_iso_or_equiv 
_atom_site.pdbx_formal_charge 
_atom_site.auth_seq_id 
_atom_site.auth_comp_id 
_atom_site.auth_asym_id 
_atom_site.auth_atom_id 
_atom_site.pdbx_PDB_model_num 
ATOM   1   O "O5'" . DA  A 1 1 ? 7.816   0.809   1.584   1.00 45.27 ? 1   DA  A "O5'" 1 
ATOM   2   C "C5'" . DA  A 1 1 ? 6.579   0.082   1.531   1.00 42.88 ? 1   DA  A "C5'" 1 
ATOM   3   C "C4'" . DA  A 1 1 ? 6.572   -0.945  0.423   1.00 41.18 ? 1   DA  A "C4'" 1 
ATOM   4   O "O4'" . DA  A 1 1 ? 5.255   -1.533  0.293   1.00 40.92 ? 1   DA  A "O4'" 1 
ATOM   5   C "C3'" . DA  A 1 1 ? 6.906   -0.376  -0.954  1.00 41.52 ? 1   DA  A "C3'" 1 
ATOM   6   O "O3'" . DA  A 1 1 ? 7.655   -1.352  -1.686  1.00 41.67 ? 1   DA  A "O3'" 1 
ATOM   7   C "C2'" . DA  A 1 1 ? 5.537   -0.144  -1.570  1.00 41.00 ? 1   DA  A "C2'" 1 
ATOM   8   C "C1'" . DA  A 1 1 ? 4.760   -1.319  -1.023  1.00 40.44 ? 1   DA  A "C1'" 1 
ATOM   9   N N9    . DA  A 1 1 ? 3.302   -1.165  -0.959  1.00 40.27 ? 1   DA  A N9    1 
ATOM   10  C C8    . DA  A 1 1 ? 2.387   -2.034  -1.509  1.00 39.15 ? 1   DA  A C8    1 
ATOM   11  N N7    . DA  A 1 1 ? 1.140   -1.690  -1.309  1.00 38.56 ? 1   DA  A N7    1 
ATOM   12  C C5    . DA  A 1 1 ? 1.228   -0.511  -0.585  1.00 38.28 ? 1   DA  A C5    1 
ATOM   13  C C6    . DA  A 1 1 ? 0.250   0.348   -0.070  1.00 36.61 ? 1   DA  A C6    1 
ATOM   14  N N6    . DA  A 1 1 ? -1.058  0.140   -0.207  1.00 36.53 ? 1   DA  A N6    1 
ATOM   15  N N1    . DA  A 1 1 ? 0.663   1.439   0.598   1.00 35.80 ? 1   DA  A N1    1 
ATOM   16  C C2    . DA  A 1 1 ? 1.975   1.643   0.738   1.00 36.20 ? 1   DA  A C2    1 
ATOM   17  N N3    . DA  A 1 1 ? 2.997   0.911   0.304   1.00 37.04 ? 1   DA  A N3    1 
ATOM   18  C C4    . DA  A 1 1 ? 2.553   -0.169  -0.362  1.00 38.96 ? 1   DA  A C4    1 
ATOM   19  P P     . DT  A 1 2 ? 8.225   -1.004  -3.142  1.00 39.20 ? 2   DT  A P     1 
ATOM   20  O OP1   . DT  A 1 2 ? 9.495   -1.748  -3.300  1.00 42.06 ? 2   DT  A OP1   1 
ATOM   21  O OP2   . DT  A 1 2 ? 8.223   0.463   -3.309  1.00 41.50 ? 2   DT  A OP2   1 
ATOM   22  O "O5'" . DT  A 1 2 ? 7.134   -1.628  -4.112  1.00 39.23 ? 2   DT  A "O5'" 1 
ATOM   23  C "C5'" . DT  A 1 2 ? 6.675   -2.968  -3.930  1.00 38.57 ? 2   DT  A "C5'" 1 
ATOM   24  C "C4'" . DT  A 1 2 ? 5.566   -3.297  -4.904  1.00 37.54 ? 2   DT  A "C4'" 1 
ATOM   25  O "O4'" . DT  A 1 2 ? 4.277   -2.819  -4.446  1.00 38.20 ? 2   DT  A "O4'" 1 
ATOM   26  C "C3'" . DT  A 1 2 ? 5.739   -2.771  -6.332  1.00 38.85 ? 2   DT  A "C3'" 1 
ATOM   27  O "O3'" . DT  A 1 2 ? 5.504   -3.831  -7.256  1.00 38.73 ? 2   DT  A "O3'" 1 
ATOM   28  C "C2'" . DT  A 1 2 ? 4.675   -1.688  -6.454  1.00 37.97 ? 2   DT  A "C2'" 1 
ATOM   29  C "C1'" . DT  A 1 2 ? 3.589   -2.198  -5.524  1.00 36.73 ? 2   DT  A "C1'" 1 
ATOM   30  N N1    . DT  A 1 2 ? 2.639   -1.193  -4.962  1.00 34.33 ? 2   DT  A N1    1 
ATOM   31  C C2    . DT  A 1 2 ? 1.297   -1.492  -5.038  1.00 33.96 ? 2   DT  A C2    1 
ATOM   32  O O2    . DT  A 1 2 ? 0.863   -2.488  -5.596  1.00 33.74 ? 2   DT  A O2    1 
ATOM   33  N N3    . DT  A 1 2 ? 0.472   -0.575  -4.440  1.00 33.19 ? 2   DT  A N3    1 
ATOM   34  C C4    . DT  A 1 2 ? 0.828   0.595   -3.807  1.00 33.06 ? 2   DT  A C4    1 
ATOM   35  O O4    . DT  A 1 2 ? -0.045  1.302   -3.291  1.00 34.67 ? 2   DT  A O4    1 
ATOM   36  C C5    . DT  A 1 2 ? 2.247   0.879   -3.805  1.00 33.07 ? 2   DT  A C5    1 
ATOM   37  C C7    . DT  A 1 2 ? 2.729   2.155   -3.187  1.00 31.97 ? 2   DT  A C7    1 
ATOM   38  C C6    . DT  A 1 2 ? 3.071   -0.019  -4.368  1.00 32.57 ? 2   DT  A C6    1 
ATOM   39  P P     . DA  A 1 3 ? 6.058   -3.728  -8.758  1.00 37.97 ? 3   DA  A P     1 
ATOM   40  O OP1   . DA  A 1 3 ? 6.904   -4.919  -8.975  1.00 39.49 ? 3   DA  A OP1   1 
ATOM   41  O OP2   . DA  A 1 3 ? 6.615   -2.383  -9.010  1.00 38.75 ? 3   DA  A OP2   1 
ATOM   42  O "O5'" . DA  A 1 3 ? 4.711   -3.870  -9.583  1.00 38.83 ? 3   DA  A "O5'" 1 
ATOM   43  C "C5'" . DA  A 1 3 ? 3.516   -3.361  -9.022  1.00 40.80 ? 3   DA  A "C5'" 1 
ATOM   44  C "C4'" . DA  A 1 3 ? 2.298   -3.932  -9.704  1.00 40.81 ? 3   DA  A "C4'" 1 
ATOM   45  O "O4'" . DA  A 1 3 ? 1.169   -3.443  -8.946  1.00 41.41 ? 3   DA  A "O4'" 1 
ATOM   46  C "C3'" . DA  A 1 3 ? 2.077   -3.441  -11.133 1.00 42.04 ? 3   DA  A "C3'" 1 
ATOM   47  O "O3'" . DA  A 1 3 ? 1.371   -4.446  -11.884 1.00 42.97 ? 3   DA  A "O3'" 1 
ATOM   48  C "C2'" . DA  A 1 3 ? 1.269   -2.169  -10.936 1.00 41.81 ? 3   DA  A "C2'" 1 
ATOM   49  C "C1'" . DA  A 1 3 ? 0.428   -2.498  -9.710  1.00 41.14 ? 3   DA  A "C1'" 1 
ATOM   50  N N9    . DA  A 1 3 ? 0.063   -1.375  -8.831  1.00 39.31 ? 3   DA  A N9    1 
ATOM   51  C C8    . DA  A 1 3 ? -1.128  -1.257  -8.161  1.00 37.37 ? 3   DA  A C8    1 
ATOM   52  N N7    . DA  A 1 3 ? -1.231  -0.165  -7.448  1.00 36.89 ? 3   DA  A N7    1 
ATOM   53  C C5    . DA  A 1 3 ? -0.026  0.488   -7.654  1.00 35.87 ? 3   DA  A C5    1 
ATOM   54  C C6    . DA  A 1 3 ? 0.481   1.704   -7.165  1.00 35.84 ? 3   DA  A C6    1 
ATOM   55  N N6    . DA  A 1 3 ? -0.189  2.506   -6.325  1.00 35.94 ? 3   DA  A N6    1 
ATOM   56  N N1    . DA  A 1 3 ? 1.718   2.071   -7.566  1.00 35.81 ? 3   DA  A N1    1 
ATOM   57  C C2    . DA  A 1 3 ? 2.393   1.258   -8.392  1.00 34.32 ? 3   DA  A C2    1 
ATOM   58  N N3    . DA  A 1 3 ? 2.026   0.093   -8.914  1.00 35.48 ? 3   DA  A N3    1 
ATOM   59  C C4    . DA  A 1 3 ? 0.788   -0.244  -8.504  1.00 36.90 ? 3   DA  A C4    1 
ATOM   60  P P     . DT  A 1 4 ? 0.636   -4.059  -13.266 1.00 44.16 ? 4   DT  A P     1 
ATOM   61  O OP1   . DT  A 1 4 ? 0.151   -5.307  -13.914 1.00 44.27 ? 4   DT  A OP1   1 
ATOM   62  O OP2   . DT  A 1 4 ? 1.472   -3.098  -14.044 1.00 44.56 ? 4   DT  A OP2   1 
ATOM   63  O "O5'" . DT  A 1 4 ? -0.638  -3.266  -12.762 1.00 43.87 ? 4   DT  A "O5'" 1 
ATOM   64  C "C5'" . DT  A 1 4 ? -1.709  -3.941  -12.132 1.00 41.60 ? 4   DT  A "C5'" 1 
ATOM   65  C "C4'" . DT  A 1 4 ? -2.949  -3.098  -12.246 1.00 41.88 ? 4   DT  A "C4'" 1 
ATOM   66  O "O4'" . DT  A 1 4 ? -2.836  -1.962  -11.356 1.00 38.78 ? 4   DT  A "O4'" 1 
ATOM   67  C "C3'" . DT  A 1 4 ? -3.142  -2.527  -13.656 1.00 43.43 ? 4   DT  A "C3'" 1 
ATOM   68  O "O3'" . DT  A 1 4 ? -4.509  -2.643  -14.055 1.00 47.78 ? 4   DT  A "O3'" 1 
ATOM   69  C "C2'" . DT  A 1 4 ? -2.740  -1.069  -13.514 1.00 39.85 ? 4   DT  A "C2'" 1 
ATOM   70  C "C1'" . DT  A 1 4 ? -3.106  -0.775  -12.068 1.00 37.79 ? 4   DT  A "C1'" 1 
ATOM   71  N N1    . DT  A 1 4 ? -2.359  0.333   -11.429 1.00 36.61 ? 4   DT  A N1    1 
ATOM   72  C C2    . DT  A 1 4 ? -3.030  1.123   -10.523 1.00 34.27 ? 4   DT  A C2    1 
ATOM   73  O O2    . DT  A 1 4 ? -4.179  0.923   -10.174 1.00 35.08 ? 4   DT  A O2    1 
ATOM   74  N N3    . DT  A 1 4 ? -2.299  2.167   -10.028 1.00 33.37 ? 4   DT  A N3    1 
ATOM   75  C C4    . DT  A 1 4 ? -0.998  2.496   -10.324 1.00 34.48 ? 4   DT  A C4    1 
ATOM   76  O O4    . DT  A 1 4 ? -0.494  3.492   -9.806  1.00 36.87 ? 4   DT  A O4    1 
ATOM   77  C C5    . DT  A 1 4 ? -0.336  1.605   -11.258 1.00 34.75 ? 4   DT  A C5    1 
ATOM   78  C C7    . DT  A 1 4 ? 1.087   1.864   -11.637 1.00 34.25 ? 4   DT  A C7    1 
ATOM   79  C C6    . DT  A 1 4 ? -1.039  0.581   -11.751 1.00 35.80 ? 4   DT  A C6    1 
ATOM   80  P P     . DA  A 1 5 ? -4.906  -2.552  -15.608 1.00 49.37 ? 5   DA  A P     1 
ATOM   81  O OP1   . DA  A 1 5 ? -5.721  -3.767  -15.899 1.00 49.65 ? 5   DA  A OP1   1 
ATOM   82  O OP2   . DA  A 1 5 ? -3.687  -2.268  -16.414 1.00 50.27 ? 5   DA  A OP2   1 
ATOM   83  O "O5'" . DA  A 1 5 ? -5.867  -1.282  -15.641 1.00 49.71 ? 5   DA  A "O5'" 1 
ATOM   84  C "C5'" . DA  A 1 5 ? -7.007  -1.236  -14.784 1.00 49.58 ? 5   DA  A "C5'" 1 
ATOM   85  C "C4'" . DA  A 1 5 ? -7.453  0.186   -14.546 1.00 49.62 ? 5   DA  A "C4'" 1 
ATOM   86  O "O4'" . DA  A 1 5 ? -6.581  0.880   -13.611 1.00 48.14 ? 5   DA  A "O4'" 1 
ATOM   87  C "C3'" . DA  A 1 5 ? -7.539  1.065   -15.798 1.00 51.07 ? 5   DA  A "C3'" 1 
ATOM   88  O "O3'" . DA  A 1 5 ? -8.779  1.797   -15.779 1.00 53.89 ? 5   DA  A "O3'" 1 
ATOM   89  C "C2'" . DA  A 1 5 ? -6.363  2.016   -15.626 1.00 49.99 ? 5   DA  A "C2'" 1 
ATOM   90  C "C1'" . DA  A 1 5 ? -6.357  2.183   -14.117 1.00 47.51 ? 5   DA  A "C1'" 1 
ATOM   91  N N9    . DA  A 1 5 ? -5.163  2.767   -13.487 1.00 45.80 ? 5   DA  A N9    1 
ATOM   92  C C8    . DA  A 1 5 ? -5.141  3.417   -12.279 1.00 45.13 ? 5   DA  A C8    1 
ATOM   93  N N7    . DA  A 1 5 ? -3.977  3.942   -11.976 1.00 44.81 ? 5   DA  A N7    1 
ATOM   94  C C5    . DA  A 1 5 ? -3.166  3.598   -13.047 1.00 45.01 ? 5   DA  A C5    1 
ATOM   95  C C6    . DA  A 1 5 ? -1.803  3.879   -13.344 1.00 44.56 ? 5   DA  A C6    1 
ATOM   96  N N6    . DA  A 1 5 ? -1.001  4.627   -12.577 1.00 44.15 ? 5   DA  A N6    1 
ATOM   97  N N1    . DA  A 1 5 ? -1.296  3.368   -14.481 1.00 44.77 ? 5   DA  A N1    1 
ATOM   98  C C2    . DA  A 1 5 ? -2.107  2.643   -15.276 1.00 46.06 ? 5   DA  A C2    1 
ATOM   99  N N3    . DA  A 1 5 ? -3.397  2.331   -15.120 1.00 45.57 ? 5   DA  A N3    1 
ATOM   100 C C4    . DA  A 1 5 ? -3.875  2.846   -13.973 1.00 45.41 ? 5   DA  A C4    1 
ATOM   101 P P     . DT  A 1 6 ? -9.277  2.591   -17.095 1.00 54.43 ? 6   DT  A P     1 
ATOM   102 O OP1   . DT  A 1 6 ? -10.566 1.937   -17.458 1.00 55.78 ? 6   DT  A OP1   1 
ATOM   103 O OP2   . DT  A 1 6 ? -8.170  2.652   -18.104 1.00 55.27 ? 6   DT  A OP2   1 
ATOM   104 O "O5'" . DT  A 1 6 ? -9.558  4.079   -16.569 1.00 53.49 ? 6   DT  A "O5'" 1 
ATOM   105 C "C5'" . DT  A 1 6 ? -10.337 4.294   -15.389 1.00 52.82 ? 6   DT  A "C5'" 1 
ATOM   106 C "C4'" . DT  A 1 6 ? -9.915  5.547   -14.645 1.00 51.71 ? 6   DT  A "C4'" 1 
ATOM   107 O "O4'" . DT  A 1 6 ? -8.502  5.528   -14.297 1.00 50.55 ? 6   DT  A "O4'" 1 
ATOM   108 C "C3'" . DT  A 1 6 ? -10.180 6.899   -15.312 1.00 50.92 ? 6   DT  A "C3'" 1 
ATOM   109 O "O3'" . DT  A 1 6 ? -10.846 7.773   -14.387 1.00 51.50 ? 6   DT  A "O3'" 1 
ATOM   110 C "C2'" . DT  A 1 6 ? -8.784  7.438   -15.587 1.00 51.46 ? 6   DT  A "C2'" 1 
ATOM   111 C "C1'" . DT  A 1 6 ? -7.989  6.840   -14.441 1.00 50.32 ? 6   DT  A "C1'" 1 
ATOM   112 N N1    . DT  A 1 6 ? -6.503  6.771   -14.610 1.00 49.98 ? 6   DT  A N1    1 
ATOM   113 C C2    . DT  A 1 6 ? -5.713  7.416   -13.665 1.00 49.33 ? 6   DT  A C2    1 
ATOM   114 O O2    . DT  A 1 6 ? -6.170  8.069   -12.735 1.00 48.86 ? 6   DT  A O2    1 
ATOM   115 N N3    . DT  A 1 6 ? -4.355  7.282   -13.858 1.00 48.43 ? 6   DT  A N3    1 
ATOM   116 C C4    . DT  A 1 6 ? -3.713  6.610   -14.883 1.00 49.60 ? 6   DT  A C4    1 
ATOM   117 O O4    . DT  A 1 6 ? -2.470  6.568   -14.910 1.00 49.01 ? 6   DT  A O4    1 
ATOM   118 C C5    . DT  A 1 6 ? -4.598  5.991   -15.862 1.00 50.43 ? 6   DT  A C5    1 
ATOM   119 C C7    . DT  A 1 6 ? -4.000  5.287   -17.042 1.00 51.09 ? 6   DT  A C7    1 
ATOM   120 C C6    . DT  A 1 6 ? -5.927  6.091   -15.669 1.00 50.57 ? 6   DT  A C6    1 
ATOM   121 O "O5'" . DA  B 1 1 ? -0.166  14.725  -10.522 1.00 44.43 ? 7   DA  B "O5'" 1 
ATOM   122 C "C5'" . DA  B 1 1 ? -1.261  15.468  -11.036 1.00 43.73 ? 7   DA  B "C5'" 1 
ATOM   123 C "C4'" . DA  B 1 1 ? -2.566  14.763  -10.743 1.00 44.93 ? 7   DA  B "C4'" 1 
ATOM   124 O "O4'" . DA  B 1 1 ? -2.712  13.575  -11.559 1.00 44.10 ? 7   DA  B "O4'" 1 
ATOM   125 C "C3'" . DA  B 1 1 ? -2.792  14.308  -9.296  1.00 46.97 ? 7   DA  B "C3'" 1 
ATOM   126 O "O3'" . DA  B 1 1 ? -4.175  14.557  -8.958  1.00 48.84 ? 7   DA  B "O3'" 1 
ATOM   127 C "C2'" . DA  B 1 1 ? -2.483  12.818  -9.358  1.00 44.70 ? 7   DA  B "C2'" 1 
ATOM   128 C "C1'" . DA  B 1 1 ? -3.034  12.468  -10.726 1.00 42.04 ? 7   DA  B "C1'" 1 
ATOM   129 N N9    . DA  B 1 1 ? -2.546  11.240  -11.362 1.00 40.70 ? 7   DA  B N9    1 
ATOM   130 C C8    . DA  B 1 1 ? -3.352  10.236  -11.830 1.00 39.41 ? 7   DA  B C8    1 
ATOM   131 N N7    . DA  B 1 1 ? -2.705  9.253   -12.399 1.00 39.22 ? 7   DA  B N7    1 
ATOM   132 C C5    . DA  B 1 1 ? -1.373  9.626   -12.293 1.00 40.04 ? 7   DA  B C5    1 
ATOM   133 C C6    . DA  B 1 1 ? -0.187  9.004   -12.716 1.00 39.49 ? 7   DA  B C6    1 
ATOM   134 N N6    . DA  B 1 1 ? -0.159  7.827   -13.357 1.00 39.77 ? 7   DA  B N6    1 
ATOM   135 N N1    . DA  B 1 1 ? 0.979   9.634   -12.456 1.00 38.35 ? 7   DA  B N1    1 
ATOM   136 C C2    . DA  B 1 1 ? 0.943   10.801  -11.810 1.00 37.72 ? 7   DA  B C2    1 
ATOM   137 N N3    . DA  B 1 1 ? -0.104  11.485  -11.360 1.00 39.07 ? 7   DA  B N3    1 
ATOM   138 C C4    . DA  B 1 1 ? -1.253  10.841  -11.641 1.00 40.54 ? 7   DA  B C4    1 
ATOM   139 P P     . DT  B 1 2 ? -4.798  14.005  -7.579  1.00 48.17 ? 8   DT  B P     1 
ATOM   140 O OP1   . DT  B 1 2 ? -5.983  14.847  -7.282  1.00 50.41 ? 8   DT  B OP1   1 
ATOM   141 O OP2   . DT  B 1 2 ? -3.724  13.865  -6.565  1.00 47.93 ? 8   DT  B OP2   1 
ATOM   142 O "O5'" . DT  B 1 2 ? -5.369  12.570  -7.966  1.00 48.48 ? 8   DT  B "O5'" 1 
ATOM   143 C "C5'" . DT  B 1 2 ? -6.456  12.442  -8.885  1.00 45.41 ? 8   DT  B "C5'" 1 
ATOM   144 C "C4'" . DT  B 1 2 ? -6.965  11.019  -8.927  1.00 43.92 ? 8   DT  B "C4'" 1 
ATOM   145 O "O4'" . DT  B 1 2 ? -6.031  10.128  -9.592  1.00 42.38 ? 8   DT  B "O4'" 1 
ATOM   146 C "C3'" . DT  B 1 2 ? -7.279  10.369  -7.574  1.00 45.22 ? 8   DT  B "C3'" 1 
ATOM   147 O "O3'" . DT  B 1 2 ? -8.540  9.681   -7.663  1.00 47.80 ? 8   DT  B "O3'" 1 
ATOM   148 C "C2'" . DT  B 1 2 ? -6.151  9.359   -7.404  1.00 43.32 ? 8   DT  B "C2'" 1 
ATOM   149 C "C1'" . DT  B 1 2 ? -5.937  8.926   -8.839  1.00 40.73 ? 8   DT  B "C1'" 1 
ATOM   150 N N1    . DT  B 1 2 ? -4.660  8.242   -9.175  1.00 38.30 ? 8   DT  B N1    1 
ATOM   151 C C2    . DT  B 1 2 ? -4.733  7.097   -9.931  1.00 37.75 ? 8   DT  B C2    1 
ATOM   152 O O2    . DT  B 1 2 ? -5.786  6.591   -10.278 1.00 37.32 ? 8   DT  B O2    1 
ATOM   153 N N3    . DT  B 1 2 ? -3.519  6.556   -10.271 1.00 37.92 ? 8   DT  B N3    1 
ATOM   154 C C4    . DT  B 1 2 ? -2.267  7.031   -9.934  1.00 39.12 ? 8   DT  B C4    1 
ATOM   155 O O4    . DT  B 1 2 ? -1.252  6.465   -10.361 1.00 42.50 ? 8   DT  B O4    1 
ATOM   156 C C5    . DT  B 1 2 ? -2.265  8.203   -9.098  1.00 38.53 ? 8   DT  B C5    1 
ATOM   157 C C7    . DT  B 1 2 ? -0.954  8.764   -8.641  1.00 39.44 ? 8   DT  B C7    1 
ATOM   158 C C6    . DT  B 1 2 ? -3.444  8.742   -8.765  1.00 38.66 ? 8   DT  B C6    1 
ATOM   159 P P     . DA  B 1 3 ? -9.302  9.199   -6.326  1.00 46.64 ? 9   DA  B P     1 
ATOM   160 O OP1   . DA  B 1 3 ? -10.655 9.816   -6.351  1.00 46.64 ? 9   DA  B OP1   1 
ATOM   161 O OP2   . DA  B 1 3 ? -8.416  9.427   -5.150  1.00 47.60 ? 9   DA  B OP2   1 
ATOM   162 O "O5'" . DA  B 1 3 ? -9.450  7.636   -6.567  1.00 44.38 ? 9   DA  B "O5'" 1 
ATOM   163 C "C5'" . DA  B 1 3 ? -9.860  7.152   -7.836  1.00 42.33 ? 9   DA  B "C5'" 1 
ATOM   164 C "C4'" . DA  B 1 3 ? -9.562  5.678   -7.966  1.00 41.04 ? 9   DA  B "C4'" 1 
ATOM   165 O "O4'" . DA  B 1 3 ? -8.186  5.420   -8.334  1.00 40.37 ? 9   DA  B "O4'" 1 
ATOM   166 C "C3'" . DA  B 1 3 ? -9.839  4.829   -6.725  1.00 42.07 ? 9   DA  B "C3'" 1 
ATOM   167 O "O3'" . DA  B 1 3 ? -10.577 3.672   -7.143  1.00 42.39 ? 9   DA  B "O3'" 1 
ATOM   168 C "C2'" . DA  B 1 3 ? -8.440  4.460   -6.239  1.00 40.65 ? 9   DA  B "C2'" 1 
ATOM   169 C "C1'" . DA  B 1 3 ? -7.736  4.316   -7.568  1.00 38.75 ? 9   DA  B "C1'" 1 
ATOM   170 N N9    . DA  B 1 3 ? -6.271  4.251   -7.621  1.00 35.97 ? 9   DA  B N9    1 
ATOM   171 C C8    . DA  B 1 3 ? -5.588  3.385   -8.430  1.00 34.04 ? 9   DA  B C8    1 
ATOM   172 N N7    . DA  B 1 3 ? -4.291  3.518   -8.370  1.00 35.70 ? 9   DA  B N7    1 
ATOM   173 C C5    . DA  B 1 3 ? -4.097  4.537   -7.454  1.00 33.91 ? 9   DA  B C5    1 
ATOM   174 C C6    . DA  B 1 3 ? -2.933  5.159   -6.969  1.00 32.92 ? 9   DA  B C6    1 
ATOM   175 N N6    . DA  B 1 3 ? -1.702  4.839   -7.377  1.00 31.85 ? 9   DA  B N6    1 
ATOM   176 N N1    . DA  B 1 3 ? -3.079  6.133   -6.049  1.00 31.88 ? 9   DA  B N1    1 
ATOM   177 C C2    . DA  B 1 3 ? -4.314  6.456   -5.656  1.00 32.21 ? 9   DA  B C2    1 
ATOM   178 N N3    . DA  B 1 3 ? -5.488  5.952   -6.047  1.00 33.92 ? 9   DA  B N3    1 
ATOM   179 C C4    . DA  B 1 3 ? -5.309  4.985   -6.962  1.00 34.48 ? 9   DA  B C4    1 
ATOM   180 P P     . DT  B 1 4 ? -10.963 2.533   -6.089  1.00 41.57 ? 10  DT  B P     1 
ATOM   181 O OP1   . DT  B 1 4 ? -12.391 2.205   -6.309  1.00 43.53 ? 10  DT  B OP1   1 
ATOM   182 O OP2   . DT  B 1 4 ? -10.499 2.933   -4.744  1.00 41.00 ? 10  DT  B OP2   1 
ATOM   183 O "O5'" . DT  B 1 4 ? -10.106 1.298   -6.587  1.00 40.42 ? 10  DT  B "O5'" 1 
ATOM   184 C "C5'" . DT  B 1 4 ? -10.091 0.954   -7.961  1.00 40.92 ? 10  DT  B "C5'" 1 
ATOM   185 C "C4'" . DT  B 1 4 ? -9.139  -0.192  -8.187  1.00 42.74 ? 10  DT  B "C4'" 1 
ATOM   186 O "O4'" . DT  B 1 4 ? -7.766  0.269   -8.078  1.00 41.71 ? 10  DT  B "O4'" 1 
ATOM   187 C "C3'" . DT  B 1 4 ? -9.300  -1.315  -7.159  1.00 45.04 ? 10  DT  B "C3'" 1 
ATOM   188 O "O3'" . DT  B 1 4 ? -9.186  -2.593  -7.825  1.00 48.22 ? 10  DT  B "O3'" 1 
ATOM   189 C "C2'" . DT  B 1 4 ? -8.158  -1.049  -6.186  1.00 43.61 ? 10  DT  B "C2'" 1 
ATOM   190 C "C1'" . DT  B 1 4 ? -7.077  -0.531  -7.124  1.00 40.60 ? 10  DT  B "C1'" 1 
ATOM   191 N N1    . DT  B 1 4 ? -5.965  0.274   -6.541  1.00 37.88 ? 10  DT  B N1    1 
ATOM   192 C C2    . DT  B 1 4 ? -4.695  0.043   -7.029  1.00 37.01 ? 10  DT  B C2    1 
ATOM   193 O O2    . DT  B 1 4 ? -4.437  -0.817  -7.856  1.00 37.16 ? 10  DT  B O2    1 
ATOM   194 N N3    . DT  B 1 4 ? -3.727  0.856   -6.506  1.00 34.70 ? 10  DT  B N3    1 
ATOM   195 C C4    . DT  B 1 4 ? -3.878  1.838   -5.554  1.00 33.52 ? 10  DT  B C4    1 
ATOM   196 O O4    . DT  B 1 4 ? -2.901  2.503   -5.205  1.00 34.34 ? 10  DT  B O4    1 
ATOM   197 C C5    . DT  B 1 4 ? -5.222  1.999   -5.049  1.00 32.66 ? 10  DT  B C5    1 
ATOM   198 C C7    . DT  B 1 4 ? -5.478  3.006   -3.976  1.00 31.04 ? 10  DT  B C7    1 
ATOM   199 C C6    . DT  B 1 4 ? -6.185  1.227   -5.565  1.00 34.60 ? 10  DT  B C6    1 
ATOM   200 P P     . DA  B 1 5 ? -9.820  -3.924  -7.159  1.00 49.82 ? 11  DA  B P     1 
ATOM   201 O OP1   . DA  B 1 5 ? -10.139 -4.841  -8.280  1.00 49.80 ? 11  DA  B OP1   1 
ATOM   202 O OP2   . DA  B 1 5 ? -10.871 -3.582  -6.155  1.00 50.33 ? 11  DA  B OP2   1 
ATOM   203 O "O5'" . DA  B 1 5 ? -8.601  -4.576  -6.371  1.00 51.15 ? 11  DA  B "O5'" 1 
ATOM   204 C "C5'" . DA  B 1 5 ? -7.372  -3.877  -6.252  1.00 51.32 ? 11  DA  B "C5'" 1 
ATOM   205 C "C4'" . DA  B 1 5 ? -6.223  -4.796  -6.568  1.00 50.54 ? 11  DA  B "C4'" 1 
ATOM   206 O "O4'" . DA  B 1 5 ? -5.022  -3.999  -6.685  1.00 49.71 ? 11  DA  B "O4'" 1 
ATOM   207 C "C3'" . DA  B 1 5 ? -5.977  -5.799  -5.451  1.00 51.03 ? 11  DA  B "C3'" 1 
ATOM   208 O "O3'" . DA  B 1 5 ? -5.597  -7.069  -5.988  1.00 53.46 ? 11  DA  B "O3'" 1 
ATOM   209 C "C2'" . DA  B 1 5 ? -4.880  -5.151  -4.629  1.00 49.74 ? 11  DA  B "C2'" 1 
ATOM   210 C "C1'" . DA  B 1 5 ? -4.121  -4.303  -5.640  1.00 48.16 ? 11  DA  B "C1'" 1 
ATOM   211 N N9    . DA  B 1 5 ? -3.628  -3.039  -5.096  1.00 46.21 ? 11  DA  B N9    1 
ATOM   212 C C8    . DA  B 1 5 ? -2.437  -2.436  -5.382  1.00 44.74 ? 11  DA  B C8    1 
ATOM   213 N N7    . DA  B 1 5 ? -2.218  -1.344  -4.692  1.00 44.79 ? 11  DA  B N7    1 
ATOM   214 C C5    . DA  B 1 5 ? -3.353  -1.208  -3.907  1.00 44.47 ? 11  DA  B C5    1 
ATOM   215 C C6    . DA  B 1 5 ? -3.728  -0.254  -2.933  1.00 43.94 ? 11  DA  B C6    1 
ATOM   216 N N6    . DA  B 1 5 ? -2.949  0.763   -2.542  1.00 44.60 ? 11  DA  B N6    1 
ATOM   217 N N1    . DA  B 1 5 ? -4.937  -0.397  -2.357  1.00 42.16 ? 11  DA  B N1    1 
ATOM   218 C C2    . DA  B 1 5 ? -5.700  -1.441  -2.719  1.00 42.96 ? 11  DA  B C2    1 
ATOM   219 N N3    . DA  B 1 5 ? -5.449  -2.408  -3.595  1.00 42.89 ? 11  DA  B N3    1 
ATOM   220 C C4    . DA  B 1 5 ? -4.244  -2.232  -4.164  1.00 44.94 ? 11  DA  B C4    1 
ATOM   221 P P     . DT  B 1 6 ? -5.534  -8.358  -5.023  1.00 53.98 ? 12  DT  B P     1 
ATOM   222 O OP1   . DT  B 1 6 ? -5.901  -9.530  -5.860  1.00 54.93 ? 12  DT  B OP1   1 
ATOM   223 O OP2   . DT  B 1 6 ? -6.286  -8.083  -3.760  1.00 53.55 ? 12  DT  B OP2   1 
ATOM   224 O "O5'" . DT  B 1 6 ? -3.982  -8.471  -4.688  1.00 53.45 ? 12  DT  B "O5'" 1 
ATOM   225 C "C5'" . DT  B 1 6 ? -3.020  -8.428  -5.738  1.00 52.61 ? 12  DT  B "C5'" 1 
ATOM   226 C "C4'" . DT  B 1 6 ? -1.645  -8.146  -5.182  1.00 51.76 ? 12  DT  B "C4'" 1 
ATOM   227 O "O4'" . DT  B 1 6 ? -1.584  -6.780  -4.713  1.00 50.53 ? 12  DT  B "O4'" 1 
ATOM   228 C "C3'" . DT  B 1 6 ? -1.219  -9.023  -3.999  1.00 51.70 ? 12  DT  B "C3'" 1 
ATOM   229 O "O3'" . DT  B 1 6 ? 0.155   -9.415  -4.143  1.00 52.30 ? 12  DT  B "O3'" 1 
ATOM   230 C "C2'" . DT  B 1 6 ? -1.385  -8.099  -2.804  1.00 50.18 ? 12  DT  B "C2'" 1 
ATOM   231 C "C1'" . DT  B 1 6 ? -1.020  -6.765  -3.418  1.00 48.47 ? 12  DT  B "C1'" 1 
ATOM   232 N N1    . DT  B 1 6 ? -1.477  -5.543  -2.720  1.00 46.13 ? 12  DT  B N1    1 
ATOM   233 C C2    . DT  B 1 6 ? -0.563  -4.522  -2.612  1.00 45.42 ? 12  DT  B C2    1 
ATOM   234 O O2    . DT  B 1 6 ? 0.552   -4.569  -3.113  1.00 44.75 ? 12  DT  B O2    1 
ATOM   235 N N3    . DT  B 1 6 ? -1.000  -3.435  -1.897  1.00 44.72 ? 12  DT  B N3    1 
ATOM   236 C C4    . DT  B 1 6 ? -2.233  -3.259  -1.303  1.00 44.57 ? 12  DT  B C4    1 
ATOM   237 O O4    . DT  B 1 6 ? -2.457  -2.241  -0.647  1.00 43.85 ? 12  DT  B O4    1 
ATOM   238 C C5    . DT  B 1 6 ? -3.168  -4.343  -1.504  1.00 45.04 ? 12  DT  B C5    1 
ATOM   239 C C7    . DT  B 1 6 ? -4.558  -4.212  -0.959  1.00 46.00 ? 12  DT  B C7    1 
ATOM   240 C C6    . DT  B 1 6 ? -2.746  -5.424  -2.186  1.00 45.29 ? 12  DT  B C6    1 
ATOM   241 O "O5'" . DA  C 1 1 ? 2.255   -7.259  -2.304  1.00 41.34 ? 13  DA  C "O5'" 1 
ATOM   242 C "C5'" . DA  C 1 1 ? 3.255   -6.716  -3.172  1.00 40.78 ? 13  DA  C "C5'" 1 
ATOM   243 C "C4'" . DA  C 1 1 ? 4.318   -5.976  -2.386  1.00 38.97 ? 13  DA  C "C4'" 1 
ATOM   244 O "O4'" . DA  C 1 1 ? 3.720   -4.867  -1.678  1.00 38.22 ? 13  DA  C "O4'" 1 
ATOM   245 C "C3'" . DA  C 1 1 ? 5.092   -6.771  -1.334  1.00 39.63 ? 13  DA  C "C3'" 1 
ATOM   246 O "O3'" . DA  C 1 1 ? 6.456   -6.320  -1.335  1.00 43.41 ? 13  DA  C "O3'" 1 
ATOM   247 C "C2'" . DA  C 1 1 ? 4.390   -6.397  -0.039  1.00 38.79 ? 13  DA  C "C2'" 1 
ATOM   248 C "C1'" . DA  C 1 1 ? 4.026   -4.949  -0.298  1.00 36.04 ? 13  DA  C "C1'" 1 
ATOM   249 N N9    . DA  C 1 1 ? 2.893   -4.409  0.454   1.00 33.70 ? 13  DA  C N9    1 
ATOM   250 C C8    . DA  C 1 1 ? 2.919   -3.260  1.189   1.00 34.03 ? 13  DA  C C8    1 
ATOM   251 N N7    . DA  C 1 1 ? 1.774   -2.957  1.745   1.00 34.80 ? 13  DA  C N7    1 
ATOM   252 C C5    . DA  C 1 1 ? 0.934   -3.987  1.358   1.00 34.07 ? 13  DA  C C5    1 
ATOM   253 C C6    . DA  C 1 1 ? -0.424  -4.246  1.624   1.00 33.85 ? 13  DA  C C6    1 
ATOM   254 N N6    . DA  C 1 1 ? -1.210  -3.440  2.351   1.00 34.71 ? 13  DA  C N6    1 
ATOM   255 N N1    . DA  C 1 1 ? -0.957  -5.369  1.105   1.00 34.38 ? 13  DA  C N1    1 
ATOM   256 C C2    . DA  C 1 1 ? -0.174  -6.163  0.361   1.00 33.70 ? 13  DA  C C2    1 
ATOM   257 N N3    . DA  C 1 1 ? 1.107   -6.019  0.031   1.00 34.06 ? 13  DA  C N3    1 
ATOM   258 C C4    . DA  C 1 1 ? 1.611   -4.897  0.570   1.00 33.81 ? 13  DA  C C4    1 
ATOM   259 P P     . DT  C 1 2 ? 7.540   -6.971  -0.327  1.00 44.75 ? 14  DT  C P     1 
ATOM   260 O OP1   . DT  C 1 2 ? 8.856   -6.828  -0.995  1.00 46.08 ? 14  DT  C OP1   1 
ATOM   261 O OP2   . DT  C 1 2 ? 7.081   -8.306  0.108   1.00 45.80 ? 14  DT  C OP2   1 
ATOM   262 O "O5'" . DT  C 1 2 ? 7.542   -5.998  0.931   1.00 43.75 ? 14  DT  C "O5'" 1 
ATOM   263 C "C5'" . DT  C 1 2 ? 7.846   -4.614  0.773   1.00 44.07 ? 14  DT  C "C5'" 1 
ATOM   264 C "C4'" . DT  C 1 2 ? 7.860   -3.920  2.114   1.00 43.87 ? 14  DT  C "C4'" 1 
ATOM   265 O "O4'" . DT  C 1 2 ? 6.517   -3.630  2.570   1.00 44.01 ? 14  DT  C "O4'" 1 
ATOM   266 C "C3'" . DT  C 1 2 ? 8.539   -4.710  3.230   1.00 44.78 ? 14  DT  C "C3'" 1 
ATOM   267 O "O3'" . DT  C 1 2 ? 9.421   -3.838  3.952   1.00 47.32 ? 14  DT  C "O3'" 1 
ATOM   268 C "C2'" . DT  C 1 2 ? 7.371   -5.197  4.076   1.00 43.20 ? 14  DT  C "C2'" 1 
ATOM   269 C "C1'" . DT  C 1 2 ? 6.358   -4.073  3.910   1.00 43.00 ? 14  DT  C "C1'" 1 
ATOM   270 N N1    . DT  C 1 2 ? 4.900   -4.395  4.145   1.00 41.72 ? 14  DT  C N1    1 
ATOM   271 C C2    . DT  C 1 2 ? 4.109   -3.444  4.782   1.00 40.38 ? 14  DT  C C2    1 
ATOM   272 O O2    . DT  C 1 2 ? 4.532   -2.389  5.216   1.00 41.55 ? 14  DT  C O2    1 
ATOM   273 N N3    . DT  C 1 2 ? 2.790   -3.788  4.906   1.00 39.00 ? 14  DT  C N3    1 
ATOM   274 C C4    . DT  C 1 2 ? 2.183   -4.952  4.501   1.00 38.29 ? 14  DT  C C4    1 
ATOM   275 O O4    . DT  C 1 2 ? 0.976   -5.088  4.665   1.00 38.13 ? 14  DT  C O4    1 
ATOM   276 C C5    . DT  C 1 2 ? 3.062   -5.928  3.891   1.00 39.05 ? 14  DT  C C5    1 
ATOM   277 C C7    . DT  C 1 2 ? 2.507   -7.255  3.477   1.00 39.08 ? 14  DT  C C7    1 
ATOM   278 C C6    . DT  C 1 2 ? 4.355   -5.599  3.734   1.00 40.50 ? 14  DT  C C6    1 
ATOM   279 P P     . DA  C 1 3 ? 10.626  -4.449  4.840   1.00 48.77 ? 15  DA  C P     1 
ATOM   280 O OP1   . DA  C 1 3 ? 11.814  -3.567  4.642   1.00 47.55 ? 15  DA  C OP1   1 
ATOM   281 O OP2   . DA  C 1 3 ? 10.752  -5.931  4.641   1.00 46.89 ? 15  DA  C OP2   1 
ATOM   282 O "O5'" . DA  C 1 3 ? 10.107  -4.216  6.319   1.00 46.95 ? 15  DA  C "O5'" 1 
ATOM   283 C "C5'" . DA  C 1 3 ? 8.731   -4.334  6.588   1.00 47.16 ? 15  DA  C "C5'" 1 
ATOM   284 C "C4'" . DA  C 1 3 ? 8.366   -3.484  7.770   1.00 46.05 ? 15  DA  C "C4'" 1 
ATOM   285 O "O4'" . DA  C 1 3 ? 6.930   -3.344  7.831   1.00 44.71 ? 15  DA  C "O4'" 1 
ATOM   286 C "C3'" . DA  C 1 3 ? 8.801   -4.105  9.089   1.00 46.96 ? 15  DA  C "C3'" 1 
ATOM   287 O "O3'" . DA  C 1 3 ? 9.204   -3.033  9.942   1.00 49.85 ? 15  DA  C "O3'" 1 
ATOM   288 C "C2'" . DA  C 1 3 ? 7.552   -4.847  9.548   1.00 46.26 ? 15  DA  C "C2'" 1 
ATOM   289 C "C1'" . DA  C 1 3 ? 6.427   -3.982  8.990   1.00 44.86 ? 15  DA  C "C1'" 1 
ATOM   290 N N9    . DA  C 1 3 ? 5.166   -4.641  8.631   1.00 42.72 ? 15  DA  C N9    1 
ATOM   291 C C8    . DA  C 1 3 ? 3.926   -4.183  8.993   1.00 42.87 ? 15  DA  C C8    1 
ATOM   292 N N7    . DA  C 1 3 ? 2.937   -4.913  8.552   1.00 42.77 ? 15  DA  C N7    1 
ATOM   293 C C5    . DA  C 1 3 ? 3.560   -5.927  7.849   1.00 41.66 ? 15  DA  C C5    1 
ATOM   294 C C6    . DA  C 1 3 ? 3.045   -7.018  7.134   1.00 41.76 ? 15  DA  C C6    1 
ATOM   295 N N6    . DA  C 1 3 ? 1.731   -7.273  7.022   1.00 40.70 ? 15  DA  C N6    1 
ATOM   296 N N1    . DA  C 1 3 ? 3.931   -7.845  6.533   1.00 41.89 ? 15  DA  C N1    1 
ATOM   297 C C2    . DA  C 1 3 ? 5.243   -7.583  6.661   1.00 40.96 ? 15  DA  C C2    1 
ATOM   298 N N3    . DA  C 1 3 ? 5.846   -6.589  7.312   1.00 41.41 ? 15  DA  C N3    1 
ATOM   299 C C4    . DA  C 1 3 ? 4.937   -5.782  7.890   1.00 41.58 ? 15  DA  C C4    1 
ATOM   300 P P     . DT  C 1 4 ? 9.778   -3.334  11.405  1.00 50.81 ? 16  DT  C P     1 
ATOM   301 O OP1   . DT  C 1 4 ? 10.608  -2.167  11.778  1.00 51.06 ? 16  DT  C OP1   1 
ATOM   302 O OP2   . DT  C 1 4 ? 10.356  -4.709  11.434  1.00 51.71 ? 16  DT  C OP2   1 
ATOM   303 O "O5'" . DT  C 1 4 ? 8.469   -3.279  12.303  1.00 51.64 ? 16  DT  C "O5'" 1 
ATOM   304 C "C5'" . DT  C 1 4 ? 7.551   -2.198  12.158  1.00 52.65 ? 16  DT  C "C5'" 1 
ATOM   305 C "C4'" . DT  C 1 4 ? 6.331   -2.425  13.016  1.00 52.98 ? 16  DT  C "C4'" 1 
ATOM   306 O "O4'" . DT  C 1 4 ? 5.343   -3.215  12.311  1.00 51.04 ? 16  DT  C "O4'" 1 
ATOM   307 C "C3'" . DT  C 1 4 ? 6.643   -3.147  14.326  1.00 53.70 ? 16  DT  C "C3'" 1 
ATOM   308 O "O3'" . DT  C 1 4 ? 6.239   -2.348  15.450  1.00 58.40 ? 16  DT  C "O3'" 1 
ATOM   309 C "C2'" . DT  C 1 4 ? 5.939   -4.491  14.196  1.00 51.53 ? 16  DT  C "C2'" 1 
ATOM   310 C "C1'" . DT  C 1 4 ? 4.848   -4.240  13.151  1.00 50.19 ? 16  DT  C "C1'" 1 
ATOM   311 N N1    . DT  C 1 4 ? 4.463   -5.410  12.289  1.00 47.70 ? 16  DT  C N1    1 
ATOM   312 C C2    . DT  C 1 4 ? 3.128   -5.575  11.966  1.00 46.35 ? 16  DT  C C2    1 
ATOM   313 O O2    . DT  C 1 4 ? 2.250   -4.803  12.313  1.00 47.43 ? 16  DT  C O2    1 
ATOM   314 N N3    . DT  C 1 4 ? 2.855   -6.689  11.213  1.00 44.82 ? 16  DT  C N3    1 
ATOM   315 C C4    . DT  C 1 4 ? 3.742   -7.635  10.761  1.00 44.78 ? 16  DT  C C4    1 
ATOM   316 O O4    . DT  C 1 4 ? 3.325   -8.605  10.124  1.00 44.05 ? 16  DT  C O4    1 
ATOM   317 C C5    . DT  C 1 4 ? 5.129   -7.393  11.109  1.00 44.24 ? 16  DT  C C5    1 
ATOM   318 C C7    . DT  C 1 4 ? 6.177   -8.353  10.648  1.00 44.11 ? 16  DT  C C7    1 
ATOM   319 C C6    . DT  C 1 4 ? 5.414   -6.308  11.841  1.00 45.99 ? 16  DT  C C6    1 
ATOM   320 P P     . DA  C 1 5 ? 7.303   -1.309  16.094  1.00 60.18 ? 17  DA  C P     1 
ATOM   321 O OP1   . DA  C 1 5 ? 7.703   -0.369  15.010  1.00 60.47 ? 17  DA  C OP1   1 
ATOM   322 O OP2   . DA  C 1 5 ? 8.350   -2.068  16.844  1.00 59.29 ? 17  DA  C OP2   1 
ATOM   323 O "O5'" . DA  C 1 5 ? 6.483   -0.443  17.140  1.00 59.98 ? 17  DA  C "O5'" 1 
ATOM   324 C "C5'" . DA  C 1 5 ? 5.283   0.219   16.772  1.00 60.13 ? 17  DA  C "C5'" 1 
ATOM   325 C "C4'" . DA  C 1 5 ? 4.291   0.060   17.895  1.00 60.54 ? 17  DA  C "C4'" 1 
ATOM   326 O "O4'" . DA  C 1 5 ? 3.906   -1.332  17.927  1.00 61.16 ? 17  DA  C "O4'" 1 
ATOM   327 C "C3'" . DA  C 1 5 ? 4.928   0.357   19.255  1.00 60.85 ? 17  DA  C "C3'" 1 
ATOM   328 O "O3'" . DA  C 1 5 ? 3.996   0.957   20.157  1.00 59.67 ? 17  DA  C "O3'" 1 
ATOM   329 C "C2'" . DA  C 1 5 ? 5.353   -1.008  19.760  1.00 61.72 ? 17  DA  C "C2'" 1 
ATOM   330 C "C1'" . DA  C 1 5 ? 4.312   -1.931  19.151  1.00 62.35 ? 17  DA  C "C1'" 1 
ATOM   331 N N9    . DA  C 1 5 ? 4.818   -3.270  18.852  1.00 63.36 ? 17  DA  C N9    1 
ATOM   332 C C8    . DA  C 1 5 ? 5.949   -3.622  18.148  1.00 63.93 ? 17  DA  C C8    1 
ATOM   333 N N7    . DA  C 1 5 ? 6.145   -4.916  18.074  1.00 64.47 ? 17  DA  C N7    1 
ATOM   334 C C5    . DA  C 1 5 ? 5.073   -5.452  18.772  1.00 65.10 ? 17  DA  C C5    1 
ATOM   335 C C6    . DA  C 1 5 ? 4.708   -6.777  19.069  1.00 66.09 ? 17  DA  C C6    1 
ATOM   336 N N6    . DA  C 1 5 ? 5.427   -7.843  18.692  1.00 66.24 ? 17  DA  C N6    1 
ATOM   337 N N1    . DA  C 1 5 ? 3.570   -6.972  19.783  1.00 66.54 ? 17  DA  C N1    1 
ATOM   338 C C2    . DA  C 1 5 ? 2.859   -5.892  20.169  1.00 65.81 ? 17  DA  C C2    1 
ATOM   339 N N3    . DA  C 1 5 ? 3.107   -4.599  19.956  1.00 64.87 ? 17  DA  C N3    1 
ATOM   340 C C4    . DA  C 1 5 ? 4.241   -4.448  19.247  1.00 64.56 ? 17  DA  C C4    1 
ATOM   341 P P     . DT  C 1 6 ? 4.332   2.382   20.816  1.00 57.27 ? 18  DT  C P     1 
ATOM   342 O OP1   . DT  C 1 6 ? 5.714   2.770   20.411  1.00 57.81 ? 18  DT  C OP1   1 
ATOM   343 O OP2   . DT  C 1 6 ? 3.997   2.284   22.254  1.00 58.68 ? 18  DT  C OP2   1 
ATOM   344 O "O5'" . DT  C 1 6 ? 3.293   3.353   20.089  1.00 57.70 ? 18  DT  C "O5'" 1 
ATOM   345 C "C5'" . DT  C 1 6 ? 3.365   3.550   18.672  1.00 57.92 ? 18  DT  C "C5'" 1 
ATOM   346 C "C4'" . DT  C 1 6 ? 2.835   4.914   18.285  1.00 57.64 ? 18  DT  C "C4'" 1 
ATOM   347 O "O4'" . DT  C 1 6 ? 3.111   5.877   19.326  1.00 56.42 ? 18  DT  C "O4'" 1 
ATOM   348 C "C3'" . DT  C 1 6 ? 3.472   5.472   17.007  1.00 57.84 ? 18  DT  C "C3'" 1 
ATOM   349 O "O3'" . DT  C 1 6 ? 2.520   6.225   16.234  1.00 58.39 ? 18  DT  C "O3'" 1 
ATOM   350 C "C2'" . DT  C 1 6 ? 4.589   6.355   17.537  1.00 56.37 ? 18  DT  C "C2'" 1 
ATOM   351 C "C1'" . DT  C 1 6 ? 4.013   6.871   18.852  1.00 55.40 ? 18  DT  C "C1'" 1 
ATOM   352 N N1    . DT  C 1 6 ? 4.999   7.135   19.924  1.00 54.27 ? 18  DT  C N1    1 
ATOM   353 C C2    . DT  C 1 6 ? 4.886   8.325   20.627  1.00 53.44 ? 18  DT  C C2    1 
ATOM   354 O O2    . DT  C 1 6 ? 3.988   9.145   20.431  1.00 51.42 ? 18  DT  C O2    1 
ATOM   355 N N3    . DT  C 1 6 ? 5.865   8.519   21.585  1.00 52.28 ? 18  DT  C N3    1 
ATOM   356 C C4    . DT  C 1 6 ? 6.909   7.665   21.903  1.00 51.10 ? 18  DT  C C4    1 
ATOM   357 O O4    . DT  C 1 6 ? 7.725   7.992   22.760  1.00 50.21 ? 18  DT  C O4    1 
ATOM   358 C C5    . DT  C 1 6 ? 6.944   6.425   21.153  1.00 51.37 ? 18  DT  C C5    1 
ATOM   359 C C7    . DT  C 1 6 ? 8.018   5.428   21.455  1.00 50.67 ? 18  DT  C C7    1 
ATOM   360 C C6    . DT  C 1 6 ? 6.005   6.226   20.214  1.00 52.94 ? 18  DT  C C6    1 
ATOM   361 O "O5'" . DA  D 1 1 ? -6.111  -7.820  12.376  1.00 43.29 ? 19  DA  D "O5'" 1 
ATOM   362 C "C5'" . DA  D 1 1 ? -6.027  -7.516  13.767  1.00 42.94 ? 19  DA  D "C5'" 1 
ATOM   363 C "C4'" . DA  D 1 1 ? -5.111  -6.334  14.015  1.00 44.03 ? 19  DA  D "C4'" 1 
ATOM   364 O "O4'" . DA  D 1 1 ? -3.725  -6.653  13.738  1.00 42.72 ? 19  DA  D "O4'" 1 
ATOM   365 C "C3'" . DA  D 1 1 ? -5.395  -5.040  13.250  1.00 44.93 ? 19  DA  D "C3'" 1 
ATOM   366 O "O3'" . DA  D 1 1 ? -5.235  -3.930  14.145  1.00 46.66 ? 19  DA  D "O3'" 1 
ATOM   367 C "C2'" . DA  D 1 1 ? -4.308  -5.015  12.187  1.00 42.53 ? 19  DA  D "C2'" 1 
ATOM   368 C "C1'" . DA  D 1 1 ? -3.153  -5.622  12.944  1.00 40.20 ? 19  DA  D "C1'" 1 
ATOM   369 N N9    . DA  D 1 1 ? -2.060  -6.197  12.155  1.00 38.77 ? 19  DA  D N9    1 
ATOM   370 C C8    . DA  D 1 1 ? -0.744  -5.833  12.245  1.00 37.29 ? 19  DA  D C8    1 
ATOM   371 N N7    . DA  D 1 1 ? 0.053   -6.529  11.481  1.00 36.24 ? 19  DA  D N7    1 
ATOM   372 C C5    . DA  D 1 1 ? -0.794  -7.407  10.829  1.00 36.34 ? 19  DA  D C5    1 
ATOM   373 C C6    . DA  D 1 1 ? -0.556  -8.411  9.880   1.00 36.93 ? 19  DA  D C6    1 
ATOM   374 N N6    . DA  D 1 1 ? 0.660   -8.716  9.414   1.00 37.29 ? 19  DA  D N6    1 
ATOM   375 N N1    . DA  D 1 1 ? -1.620  -9.103  9.418   1.00 37.78 ? 19  DA  D N1    1 
ATOM   376 C C2    . DA  D 1 1 ? -2.833  -8.798  9.888   1.00 36.93 ? 19  DA  D C2    1 
ATOM   377 N N3    . DA  D 1 1 ? -3.181  -7.878  10.781  1.00 37.51 ? 19  DA  D N3    1 
ATOM   378 C C4    . DA  D 1 1 ? -2.102  -7.207  11.220  1.00 37.28 ? 19  DA  D C4    1 
ATOM   379 P P     . DT  D 1 2 ? -5.479  -2.435  13.615  1.00 48.76 ? 20  DT  D P     1 
ATOM   380 O OP1   . DT  D 1 2 ? -6.000  -1.625  14.749  1.00 47.92 ? 20  DT  D OP1   1 
ATOM   381 O OP2   . DT  D 1 2 ? -6.254  -2.524  12.352  1.00 47.29 ? 20  DT  D OP2   1 
ATOM   382 O "O5'" . DT  D 1 2 ? -4.011  -1.916  13.297  1.00 49.76 ? 20  DT  D "O5'" 1 
ATOM   383 C "C5'" . DT  D 1 2 ? -3.051  -1.807  14.343  1.00 51.45 ? 20  DT  D "C5'" 1 
ATOM   384 C "C4'" . DT  D 1 2 ? -1.773  -1.185  13.829  1.00 53.18 ? 20  DT  D "C4'" 1 
ATOM   385 O "O4'" . DT  D 1 2 ? -1.056  -2.137  12.996  1.00 53.43 ? 20  DT  D "O4'" 1 
ATOM   386 C "C3'" . DT  D 1 2 ? -1.959  0.086   12.990  1.00 53.33 ? 20  DT  D "C3'" 1 
ATOM   387 O "O3'" . DT  D 1 2 ? -0.969  1.070   13.364  1.00 52.74 ? 20  DT  D "O3'" 1 
ATOM   388 C "C2'" . DT  D 1 2 ? -1.778  -0.416  11.564  1.00 53.75 ? 20  DT  D "C2'" 1 
ATOM   389 C "C1'" . DT  D 1 2 ? -0.768  -1.550  11.735  1.00 52.51 ? 20  DT  D "C1'" 1 
ATOM   390 N N1    . DT  D 1 2 ? -0.794  -2.623  10.701  1.00 51.72 ? 20  DT  D N1    1 
ATOM   391 C C2    . DT  D 1 2 ? 0.420   -3.011  10.158  1.00 51.31 ? 20  DT  D C2    1 
ATOM   392 O O2    . DT  D 1 2 ? 1.490   -2.511  10.478  1.00 50.62 ? 20  DT  D O2    1 
ATOM   393 N N3    . DT  D 1 2 ? 0.336   -4.012  9.213   1.00 50.17 ? 20  DT  D N3    1 
ATOM   394 C C4    . DT  D 1 2 ? -0.806  -4.651  8.758   1.00 49.45 ? 20  DT  D C4    1 
ATOM   395 O O4    . DT  D 1 2 ? -0.708  -5.548  7.906   1.00 48.35 ? 20  DT  D O4    1 
ATOM   396 C C5    . DT  D 1 2 ? -2.049  -4.185  9.360   1.00 48.88 ? 20  DT  D C5    1 
ATOM   397 C C7    . DT  D 1 2 ? -3.342  -4.793  8.920   1.00 47.41 ? 20  DT  D C7    1 
ATOM   398 C C6    . DT  D 1 2 ? -1.979  -3.216  10.291  1.00 49.81 ? 20  DT  D C6    1 
ATOM   399 P P     . DA  D 1 3 ? -1.163  2.628   12.964  1.00 52.05 ? 21  DA  D P     1 
ATOM   400 O OP1   . DA  D 1 3 ? -0.696  3.457   14.108  1.00 52.80 ? 21  DA  D OP1   1 
ATOM   401 O OP2   . DA  D 1 3 ? -2.521  2.861   12.382  1.00 51.14 ? 21  DA  D OP2   1 
ATOM   402 O "O5'" . DA  D 1 3 ? -0.078  2.831   11.832  1.00 50.13 ? 21  DA  D "O5'" 1 
ATOM   403 C "C5'" . DA  D 1 3 ? 0.388   1.713   11.125  1.00 50.17 ? 21  DA  D "C5'" 1 
ATOM   404 C "C4'" . DA  D 1 3 ? 1.755   1.989   10.568  1.00 50.70 ? 21  DA  D "C4'" 1 
ATOM   405 O "O4'" . DA  D 1 3 ? 2.152   0.798   9.856   1.00 51.64 ? 21  DA  D "O4'" 1 
ATOM   406 C "C3'" . DA  D 1 3 ? 1.763   3.119   9.543   1.00 52.26 ? 21  DA  D "C3'" 1 
ATOM   407 O "O3'" . DA  D 1 3 ? 3.038   3.783   9.606   1.00 52.92 ? 21  DA  D "O3'" 1 
ATOM   408 C "C2'" . DA  D 1 3 ? 1.487   2.396   8.231   1.00 51.72 ? 21  DA  D "C2'" 1 
ATOM   409 C "C1'" . DA  D 1 3 ? 2.137   1.029   8.454   1.00 49.72 ? 21  DA  D "C1'" 1 
ATOM   410 N N9    . DA  D 1 3 ? 1.489   -0.123  7.818   1.00 46.42 ? 21  DA  D N9    1 
ATOM   411 C C8    . DA  D 1 3 ? 2.141   -1.225  7.320   1.00 45.68 ? 21  DA  D C8    1 
ATOM   412 N N7    . DA  D 1 3 ? 1.347   -2.106  6.769   1.00 43.82 ? 21  DA  D N7    1 
ATOM   413 C C5    . DA  D 1 3 ? 0.085   -1.558  6.921   1.00 43.21 ? 21  DA  D C5    1 
ATOM   414 C C6    . DA  D 1 3 ? -1.177  -2.007  6.532   1.00 41.91 ? 21  DA  D C6    1 
ATOM   415 N N6    . DA  D 1 3 ? -1.377  -3.169  5.902   1.00 42.80 ? 21  DA  D N6    1 
ATOM   416 N N1    . DA  D 1 3 ? -2.234  -1.222  6.814   1.00 40.79 ? 21  DA  D N1    1 
ATOM   417 C C2    . DA  D 1 3 ? -2.021  -0.069  7.460   1.00 41.39 ? 21  DA  D C2    1 
ATOM   418 N N3    . DA  D 1 3 ? -0.881  0.461   7.887   1.00 42.43 ? 21  DA  D N3    1 
ATOM   419 C C4    . DA  D 1 3 ? 0.152   -0.340  7.576   1.00 44.22 ? 21  DA  D C4    1 
ATOM   420 P P     . DT  D 1 4 ? 3.410   4.939   8.549   1.00 54.12 ? 22  DT  D P     1 
ATOM   421 O OP1   . DT  D 1 4 ? 4.539   5.673   9.183   1.00 55.49 ? 22  DT  D OP1   1 
ATOM   422 O OP2   . DT  D 1 4 ? 2.188   5.679   8.124   1.00 53.54 ? 22  DT  D OP2   1 
ATOM   423 O "O5'" . DT  D 1 4 ? 3.996   4.145   7.290   1.00 53.94 ? 22  DT  D "O5'" 1 
ATOM   424 C "C5'" . DT  D 1 4 ? 5.248   3.458   7.380   1.00 50.15 ? 22  DT  D "C5'" 1 
ATOM   425 C "C4'" . DT  D 1 4 ? 5.678   2.938   6.026   1.00 48.74 ? 22  DT  D "C4'" 1 
ATOM   426 O "O4'" . DT  D 1 4 ? 4.814   1.848   5.633   1.00 47.06 ? 22  DT  D "O4'" 1 
ATOM   427 C "C3'" . DT  D 1 4 ? 5.663   3.950   4.871   1.00 49.37 ? 22  DT  D "C3'" 1 
ATOM   428 O "O3'" . DT  D 1 4 ? 6.869   3.862   4.076   1.00 51.50 ? 22  DT  D "O3'" 1 
ATOM   429 C "C2'" . DT  D 1 4 ? 4.451   3.531   4.058   1.00 47.35 ? 22  DT  D "C2'" 1 
ATOM   430 C "C1'" . DT  D 1 4 ? 4.402   2.031   4.296   1.00 46.56 ? 22  DT  D "C1'" 1 
ATOM   431 N N1    . DT  D 1 4 ? 3.087   1.342   4.105   1.00 45.75 ? 22  DT  D N1    1 
ATOM   432 C C2    . DT  D 1 4 ? 3.120   0.044   3.632   1.00 44.77 ? 22  DT  D C2    1 
ATOM   433 O O2    . DT  D 1 4 ? 4.153   -0.560  3.430   1.00 44.00 ? 22  DT  D O2    1 
ATOM   434 N N3    . DT  D 1 4 ? 1.887   -0.530  3.409   1.00 44.63 ? 22  DT  D N3    1 
ATOM   435 C C4    . DT  D 1 4 ? 0.644   0.040   3.623   1.00 46.23 ? 22  DT  D C4    1 
ATOM   436 O O4    . DT  D 1 4 ? -0.394  -0.608  3.352   1.00 46.20 ? 22  DT  D O4    1 
ATOM   437 C C5    . DT  D 1 4 ? 0.679   1.400   4.161   1.00 46.19 ? 22  DT  D C5    1 
ATOM   438 C C7    . DT  D 1 4 ? -0.612  2.097   4.462   1.00 45.48 ? 22  DT  D C7    1 
ATOM   439 C C6    . DT  D 1 4 ? 1.883   1.971   4.368   1.00 45.80 ? 22  DT  D C6    1 
ATOM   440 P P     . DA  D 1 5 ? 7.937   5.089   4.071   1.00 52.73 ? 23  DA  D P     1 
ATOM   441 O OP1   . DA  D 1 5 ? 7.382   6.209   3.273   1.00 51.90 ? 23  DA  D OP1   1 
ATOM   442 O OP2   . DA  D 1 5 ? 9.303   4.574   3.761   1.00 52.63 ? 23  DA  D OP2   1 
HETATM 443 O O     . HOH E 2 . ? 3.816   -2.978  -14.918 1.00 47.08 ? 111 HOH A O     1 
HETATM 444 O O     . HOH E 2 . ? -3.658  6.260   -20.784 1.00 44.34 ? 112 HOH A O     1 
HETATM 445 O O     . HOH E 2 . ? -4.586  8.406   -22.844 1.00 39.16 ? 114 HOH A O     1 
HETATM 446 O O     . HOH E 2 . ? 8.212   -2.203  -11.942 1.00 35.61 ? 123 HOH A O     1 
HETATM 447 O O     . HOH E 2 . ? 0.606   5.618   -21.201 1.00 50.21 ? 131 HOH A O     1 
HETATM 448 O O     . HOH F 2 . ? -1.783  4.003   -3.123  1.00 35.60 ? 100 HOH B O     1 
HETATM 449 O O     . HOH F 2 . ? -3.362  2.441   0.199   1.00 35.44 ? 102 HOH B O     1 
HETATM 450 O O     . HOH F 2 . ? 3.520   7.977   -12.971 1.00 51.03 ? 104 HOH B O     1 
HETATM 451 O O     . HOH F 2 . ? -0.891  6.129   -1.638  1.00 61.90 ? 105 HOH B O     1 
HETATM 452 O O     . HOH F 2 . ? 1.454   6.799   -8.730  1.00 34.19 ? 107 HOH B O     1 
HETATM 453 O O     . HOH F 2 . ? 4.526   6.635   -9.087  1.00 42.00 ? 108 HOH B O     1 
HETATM 454 O O     . HOH F 2 . ? 1.796   5.979   -13.203 1.00 29.64 ? 109 HOH B O     1 
HETATM 455 O O     . HOH F 2 . ? 0.204   5.929   -5.489  1.00 43.68 ? 113 HOH B O     1 
HETATM 456 O O     . HOH F 2 . ? -8.684  -10.144 0.651   1.00 38.16 ? 120 HOH B O     1 
HETATM 457 O O     . HOH F 2 . ? -8.997  15.214  -4.345  1.00 41.46 ? 121 HOH B O     1 
HETATM 458 O O     . HOH F 2 . ? -8.689  4.824   -11.290 1.00 29.90 ? 132 HOH B O     1 
HETATM 459 O O     . HOH G 2 . ? -3.489  -7.180  1.470   1.00 34.55 ? 103 HOH C O     1 
HETATM 460 O O     . HOH G 2 . ? 12.640  -1.397  1.092   1.00 46.86 ? 116 HOH C O     1 
HETATM 461 O O     . HOH G 2 . ? 13.572  -6.227  6.271   1.00 56.00 ? 117 HOH C O     1 
HETATM 462 O O     . HOH G 2 . ? 9.460   -6.065  20.052  1.00 39.72 ? 118 HOH C O     1 
HETATM 463 O O     . HOH G 2 . ? 6.344   3.421   17.674  1.00 27.11 ? 119 HOH C O     1 
HETATM 464 O O     . HOH G 2 . ? 9.725   -5.847  -3.289  1.00 38.05 ? 124 HOH C O     1 
HETATM 465 O O     . HOH G 2 . ? 11.525  -8.317  -4.630  1.00 49.11 ? 125 HOH C O     1 
HETATM 466 O O     . HOH G 2 . ? 1.188   6.185   13.837  1.00 48.05 ? 126 HOH C O     1 
HETATM 467 O O     . HOH G 2 . ? 12.465  -5.605  -3.970  1.00 52.33 ? 127 HOH C O     1 
HETATM 468 O O     . HOH G 2 . ? 4.955   -8.986  22.154  1.00 49.34 ? 129 HOH C O     1 
HETATM 469 O O     . HOH H 2 . ? -3.704  -4.292  4.096   1.00 37.99 ? 101 HOH D O     1 
HETATM 470 O O     . HOH H 2 . ? -1.340  -7.293  5.594   1.00 53.20 ? 106 HOH D O     1 
HETATM 471 O O     . HOH H 2 . ? 0.944   2.328   16.949  1.00 37.20 ? 110 HOH D O     1 
HETATM 472 O O     . HOH H 2 . ? -3.303  -0.557  2.826   1.00 39.42 ? 115 HOH D O     1 
HETATM 473 O O     . HOH H 2 . ? 3.768   7.752   11.643  1.00 35.54 ? 122 HOH D O     1 
HETATM 474 O O     . HOH H 2 . ? -8.987  -3.906  3.713   1.00 52.11 ? 128 HOH D O     1 
HETATM 475 O O     . HOH H 2 . ? -4.842  -2.815  5.768   1.00 46.76 ? 130 HOH D O     1 
HETATM 476 O O     . HOH H 2 . ? 7.727   -0.287  5.631   1.00 37.93 ? 133 HOH D O     1 
# 
